data_6JN5
#
_entry.id   6JN5
#
_cell.length_a   164.757
_cell.length_b   164.757
_cell.length_c   94.499
_cell.angle_alpha   90.000
_cell.angle_beta   90.000
_cell.angle_gamma   120.000
#
_symmetry.space_group_name_H-M   'P 3 2 1'
#
loop_
_entity.id
_entity.type
_entity.pdbx_description
1 polymer 'Serine Beta-Lactamase KPC-2'
2 non-polymer '[(S)-(4-fluorophenyl)-[[(2S)-2-methyl-3-sulfanyl-propanoyl]amino]methyl]boronic acid'
3 water water
#
_entity_poly.entity_id   1
_entity_poly.type   'polypeptide(L)'
_entity_poly.pdbx_seq_one_letter_code
;TNLVAEPFAKLEQDFGGSIGVYAMDTGSGATVSYRAEERFPLCSSFKGFLAAAVLARSQQQAGLLDTPIRYGKNALVPWS
PISEKYLTTGMTVAELSAAAVQYSDNAAANLLLKELGGPAGLTAFMRSIGDTTFRLDRWELELNSAIPGDARDTSSPRAV
TESLQKLTLGSALAAPQRQQFVDWLKGNTTGNHRIRAAVPADWAVGDKTGTCGVYGTANDYAVVWPTGRAPIVLAVYTRA
PNKDDKHSEAVIAAAARLALEGLG
;
_entity_poly.pdbx_strand_id   A,B,C,D
#
loop_
_chem_comp.id
_chem_comp.type
_chem_comp.name
_chem_comp.formula
BXU non-polymer '[(S)-(4-fluorophenyl)-[[(2S)-2-methyl-3-sulfanyl-propanoyl]amino]methyl]boronic acid' 'C11 H15 B F N O3 S'
#
# COMPACT_ATOMS: atom_id res chain seq x y z
N THR A 1 6.36 1.17 -2.51
CA THR A 1 6.58 1.86 -1.26
C THR A 1 5.53 1.45 -0.24
N ASN A 2 5.35 2.29 0.77
CA ASN A 2 4.48 1.99 1.90
C ASN A 2 3.99 3.30 2.48
N LEU A 3 2.67 3.52 2.49
CA LEU A 3 2.13 4.73 3.09
C LEU A 3 1.70 4.53 4.55
N VAL A 4 2.03 3.40 5.14
CA VAL A 4 1.84 3.20 6.57
C VAL A 4 3.11 2.54 7.09
N ALA A 5 4.24 3.20 6.85
CA ALA A 5 5.57 2.68 7.16
C ALA A 5 5.92 2.86 8.61
N GLU A 6 5.17 3.70 9.32
CA GLU A 6 5.45 4.05 10.72
C GLU A 6 5.68 2.83 11.61
N PRO A 7 4.84 1.81 11.62
CA PRO A 7 5.12 0.64 12.45
C PRO A 7 6.53 0.06 12.24
N PHE A 8 6.99 0.04 11.01
CA PHE A 8 8.30 -0.51 10.71
C PHE A 8 9.44 0.42 11.12
N ALA A 9 9.21 1.73 10.98
CA ALA A 9 10.22 2.72 11.32
C ALA A 9 10.54 2.68 12.80
N LYS A 10 9.49 2.57 13.61
CA LYS A 10 9.60 2.45 15.05
C LYS A 10 10.33 1.16 15.43
N LEU A 11 9.90 0.02 14.89
CA LEU A 11 10.63 -1.21 15.12
C LEU A 11 12.13 -1.06 14.76
N GLU A 12 12.42 -0.46 13.60
CA GLU A 12 13.80 -0.30 13.19
C GLU A 12 14.56 0.60 14.16
N GLN A 13 13.95 1.71 14.54
CA GLN A 13 14.65 2.60 15.45
C GLN A 13 14.93 1.90 16.77
N ASP A 14 13.97 1.14 17.30
CA ASP A 14 14.18 0.41 18.56
C ASP A 14 15.33 -0.59 18.43
N PHE A 15 15.36 -1.33 17.32
CA PHE A 15 16.42 -2.29 17.05
C PHE A 15 17.79 -1.61 16.93
N GLY A 16 17.87 -0.43 16.29
CA GLY A 16 19.13 0.29 16.14
C GLY A 16 19.84 0.13 14.80
N GLY A 17 19.34 -0.76 13.96
CA GLY A 17 19.96 -0.99 12.68
C GLY A 17 19.03 -0.78 11.50
N SER A 18 19.13 -1.67 10.52
CA SER A 18 18.28 -1.64 9.34
C SER A 18 17.37 -2.88 9.28
N ILE A 19 16.08 -2.65 9.08
CA ILE A 19 15.13 -3.70 8.77
C ILE A 19 14.73 -3.63 7.30
N GLY A 20 14.60 -4.79 6.68
CA GLY A 20 14.21 -4.93 5.28
C GLY A 20 13.15 -6.01 5.12
N VAL A 21 12.01 -5.62 4.53
CA VAL A 21 10.80 -6.45 4.45
C VAL A 21 10.19 -6.35 3.07
N TYR A 22 9.77 -7.47 2.50
CA TYR A 22 8.93 -7.46 1.31
C TYR A 22 8.06 -8.70 1.36
N ALA A 23 6.76 -8.48 1.50
CA ALA A 23 5.76 -9.54 1.57
C ALA A 23 4.80 -9.41 0.39
N MET A 24 4.40 -10.56 -0.15
CA MET A 24 3.45 -10.67 -1.25
C MET A 24 2.34 -11.70 -0.94
N ASP A 25 1.08 -11.28 -1.04
CA ASP A 25 -0.04 -12.21 -1.13
C ASP A 25 -0.19 -12.65 -2.58
N THR A 26 0.02 -13.93 -2.85
CA THR A 26 -0.05 -14.37 -4.24
C THR A 26 -1.48 -14.29 -4.77
N GLY A 27 -2.46 -14.40 -3.93
CA GLY A 27 -3.84 -14.48 -4.37
C GLY A 27 -4.38 -13.13 -4.75
N SER A 28 -4.15 -12.15 -3.88
CA SER A 28 -4.63 -10.80 -4.14
C SER A 28 -3.64 -9.93 -4.90
N GLY A 29 -2.34 -10.14 -4.72
CA GLY A 29 -1.37 -9.26 -5.30
C GLY A 29 -0.88 -8.16 -4.38
N ALA A 30 -1.53 -7.98 -3.22
CA ALA A 30 -1.09 -7.01 -2.24
C ALA A 30 0.36 -7.23 -1.88
N THR A 31 1.03 -6.12 -1.50
CA THR A 31 2.39 -6.19 -1.01
C THR A 31 2.62 -5.19 0.12
N VAL A 32 3.58 -5.54 0.97
CA VAL A 32 4.11 -4.72 2.06
C VAL A 32 5.61 -4.60 1.83
N SER A 33 6.14 -3.39 1.94
CA SER A 33 7.50 -3.00 1.61
C SER A 33 8.09 -2.13 2.72
N TYR A 34 9.34 -2.42 3.09
CA TYR A 34 10.11 -1.53 3.94
C TYR A 34 11.58 -1.85 3.72
N ARG A 35 12.32 -0.88 3.19
CA ARG A 35 13.67 -1.11 2.69
C ARG A 35 13.74 -2.36 1.80
N ALA A 36 12.63 -2.66 1.11
CA ALA A 36 12.56 -3.81 0.21
C ALA A 36 13.51 -3.70 -0.99
N GLU A 37 13.86 -2.48 -1.39
CA GLU A 37 14.77 -2.21 -2.51
C GLU A 37 16.24 -2.11 -2.10
N GLU A 38 16.58 -2.25 -0.83
CA GLU A 38 17.94 -1.99 -0.36
C GLU A 38 18.68 -3.30 -0.15
N ARG A 39 19.99 -3.25 -0.34
CA ARG A 39 20.81 -4.45 -0.25
C ARG A 39 21.06 -4.83 1.19
N PHE A 40 20.89 -6.11 1.48
CA PHE A 40 21.26 -6.73 2.74
C PHE A 40 22.11 -7.99 2.50
N PRO A 41 23.01 -8.33 3.43
CA PRO A 41 23.74 -9.58 3.30
C PRO A 41 22.80 -10.78 3.30
N LEU A 42 23.10 -11.71 2.40
CA LEU A 42 22.37 -12.97 2.37
C LEU A 42 22.70 -13.82 3.57
N CYS A 43 23.96 -13.77 3.99
CA CYS A 43 24.39 -14.76 4.94
C CYS A 43 23.91 -16.11 4.40
N SER A 44 23.45 -16.96 5.27
CA SER A 44 23.13 -18.34 4.93
C SER A 44 21.89 -18.51 4.04
N SER A 45 21.09 -17.48 3.79
CA SER A 45 19.85 -17.68 3.05
C SER A 45 20.09 -17.97 1.57
N PHE A 46 21.32 -17.78 1.08
CA PHE A 46 21.63 -18.14 -0.30
C PHE A 46 21.47 -19.64 -0.49
N LYS A 47 21.62 -20.40 0.58
CA LYS A 47 21.57 -21.86 0.49
C LYS A 47 20.22 -22.33 -0.02
N GLY A 48 19.14 -21.63 0.32
CA GLY A 48 17.85 -21.99 -0.23
C GLY A 48 17.87 -21.92 -1.74
N PHE A 49 18.30 -20.78 -2.27
CA PHE A 49 18.41 -20.63 -3.70
C PHE A 49 19.42 -21.59 -4.29
N LEU A 50 20.44 -21.97 -3.52
CA LEU A 50 21.43 -22.92 -4.02
C LEU A 50 20.80 -24.27 -4.34
N ALA A 51 20.16 -24.87 -3.35
CA ALA A 51 19.38 -26.09 -3.57
C ALA A 51 18.46 -25.98 -4.77
N ALA A 52 17.94 -24.78 -5.05
CA ALA A 52 17.08 -24.63 -6.22
C ALA A 52 17.90 -24.65 -7.50
N ALA A 53 19.08 -24.05 -7.48
CA ALA A 53 19.96 -24.18 -8.63
C ALA A 53 20.30 -25.63 -8.88
N VAL A 54 20.41 -26.41 -7.81
CA VAL A 54 20.72 -27.83 -7.95
C VAL A 54 19.55 -28.55 -8.60
N LEU A 55 18.34 -28.36 -8.04
CA LEU A 55 17.14 -29.01 -8.54
C LEU A 55 16.90 -28.64 -9.98
N ALA A 56 17.40 -27.48 -10.40
CA ALA A 56 17.25 -27.04 -11.79
C ALA A 56 18.15 -27.84 -12.71
N ARG A 57 19.43 -27.98 -12.35
CA ARG A 57 20.32 -28.84 -13.12
C ARG A 57 19.74 -30.23 -13.28
N SER A 58 19.33 -30.84 -12.16
CA SER A 58 18.83 -32.20 -12.14
C SER A 58 17.77 -32.46 -13.20
N GLN A 59 17.17 -31.41 -13.75
CA GLN A 59 16.23 -31.59 -14.83
C GLN A 59 16.94 -31.98 -16.12
N GLN A 60 18.19 -31.53 -16.31
CA GLN A 60 19.01 -31.93 -17.45
C GLN A 60 19.93 -33.10 -17.12
N GLN A 61 20.50 -33.13 -15.91
CA GLN A 61 21.34 -34.24 -15.49
C GLN A 61 20.49 -35.18 -14.67
N ALA A 62 20.15 -36.31 -15.26
CA ALA A 62 19.45 -37.33 -14.49
C ALA A 62 20.41 -38.00 -13.51
N GLY A 63 19.88 -38.38 -12.36
CA GLY A 63 20.69 -38.98 -11.31
C GLY A 63 21.72 -38.05 -10.68
N LEU A 64 21.64 -36.76 -10.95
CA LEU A 64 22.52 -35.81 -10.27
C LEU A 64 22.26 -35.82 -8.79
N LEU A 65 20.98 -35.92 -8.40
CA LEU A 65 20.56 -35.77 -7.02
C LEU A 65 21.00 -36.95 -6.18
N ASP A 66 21.06 -38.13 -6.79
CA ASP A 66 21.45 -39.38 -6.14
C ASP A 66 22.93 -39.61 -6.18
N THR A 67 23.68 -38.72 -6.81
CA THR A 67 25.13 -38.85 -6.92
C THR A 67 25.71 -38.77 -5.52
N PRO A 68 26.45 -39.77 -5.09
CA PRO A 68 27.17 -39.62 -3.83
C PRO A 68 28.36 -38.71 -4.03
N ILE A 69 28.68 -37.95 -2.97
CA ILE A 69 29.92 -37.16 -2.85
C ILE A 69 30.71 -37.69 -1.67
N ARG A 70 31.93 -38.14 -1.92
CA ARG A 70 32.81 -38.67 -0.85
C ARG A 70 33.82 -37.57 -0.49
N TYR A 71 33.34 -36.60 0.28
CA TYR A 71 34.10 -35.43 0.70
C TYR A 71 35.09 -35.82 1.79
N GLY A 72 36.09 -34.99 1.95
CA GLY A 72 37.06 -35.17 3.00
C GLY A 72 36.86 -34.23 4.16
N LYS A 73 37.67 -34.48 5.19
CA LYS A 73 37.52 -33.82 6.46
C LYS A 73 37.79 -32.33 6.34
N ASN A 74 38.61 -31.93 5.37
CA ASN A 74 38.90 -30.51 5.20
C ASN A 74 37.85 -29.78 4.35
N ALA A 75 36.76 -30.44 4.02
CA ALA A 75 35.54 -29.77 3.64
C ALA A 75 34.78 -29.20 4.85
N LEU A 76 35.09 -29.65 6.06
CA LEU A 76 34.23 -29.44 7.22
C LEU A 76 34.62 -28.15 7.93
N VAL A 77 34.21 -27.04 7.33
CA VAL A 77 34.25 -25.73 7.94
C VAL A 77 33.27 -25.70 9.11
N PRO A 78 33.40 -24.76 10.04
CA PRO A 78 32.50 -24.70 11.18
C PRO A 78 31.04 -24.67 10.75
N TRP A 79 30.18 -25.13 11.67
CA TRP A 79 28.73 -25.15 11.46
C TRP A 79 28.36 -26.02 10.26
N SER A 80 28.93 -27.22 10.25
CA SER A 80 28.54 -28.28 9.31
C SER A 80 28.09 -29.52 10.09
N PRO A 81 26.94 -29.46 10.80
CA PRO A 81 26.57 -30.61 11.66
C PRO A 81 26.21 -31.87 10.90
N ILE A 82 25.58 -31.76 9.73
CA ILE A 82 25.13 -32.92 8.99
C ILE A 82 26.30 -33.59 8.27
N SER A 83 27.04 -32.76 7.51
CA SER A 83 28.36 -33.10 6.97
C SER A 83 29.27 -33.76 8.00
N GLU A 84 29.44 -33.12 9.16
CA GLU A 84 30.28 -33.70 10.22
C GLU A 84 29.78 -35.11 10.54
N LYS A 85 28.49 -35.23 10.84
CA LYS A 85 27.87 -36.51 11.17
C LYS A 85 28.17 -37.57 10.13
N TYR A 86 28.05 -37.22 8.86
CA TYR A 86 28.08 -38.18 7.76
C TYR A 86 29.44 -38.22 7.06
N LEU A 87 30.49 -37.69 7.70
CA LEU A 87 31.78 -37.64 7.04
C LEU A 87 32.15 -38.99 6.46
N THR A 88 31.94 -40.05 7.24
CA THR A 88 32.49 -41.37 6.97
C THR A 88 31.74 -42.11 5.86
N THR A 89 30.48 -41.75 5.62
CA THR A 89 29.67 -42.33 4.55
C THR A 89 29.70 -41.49 3.28
N GLY A 90 30.16 -40.25 3.35
CA GLY A 90 29.74 -39.30 2.36
C GLY A 90 28.24 -39.08 2.41
N MET A 91 27.78 -38.31 1.42
CA MET A 91 26.39 -37.84 1.29
C MET A 91 26.03 -37.60 -0.17
N THR A 92 24.76 -37.80 -0.51
CA THR A 92 24.34 -37.56 -1.88
C THR A 92 24.12 -36.06 -2.12
N VAL A 93 24.16 -35.68 -3.39
CA VAL A 93 23.81 -34.30 -3.78
C VAL A 93 22.46 -33.90 -3.17
N ALA A 94 21.48 -34.78 -3.21
CA ALA A 94 20.20 -34.48 -2.54
C ALA A 94 20.40 -34.20 -1.05
N GLU A 95 21.07 -35.12 -0.34
CA GLU A 95 21.22 -34.98 1.09
C GLU A 95 21.95 -33.70 1.43
N LEU A 96 22.92 -33.33 0.59
CA LEU A 96 23.63 -32.08 0.75
C LEU A 96 22.72 -30.89 0.59
N SER A 97 21.91 -30.92 -0.44
CA SER A 97 20.91 -29.90 -0.64
C SER A 97 19.96 -29.85 0.53
N ALA A 98 19.42 -31.00 0.96
CA ALA A 98 18.59 -31.04 2.15
C ALA A 98 19.28 -30.42 3.36
N ALA A 99 20.54 -30.78 3.60
CA ALA A 99 21.21 -30.31 4.81
C ALA A 99 21.55 -28.84 4.72
N ALA A 100 22.06 -28.40 3.56
CA ALA A 100 22.12 -26.99 3.21
C ALA A 100 20.89 -26.22 3.67
N VAL A 101 19.72 -26.71 3.31
CA VAL A 101 18.48 -25.96 3.54
C VAL A 101 18.04 -26.06 4.99
N GLN A 102 17.95 -27.28 5.51
CA GLN A 102 17.25 -27.49 6.76
C GLN A 102 18.15 -27.31 7.98
N TYR A 103 19.46 -27.27 7.79
CA TYR A 103 20.41 -27.05 8.89
C TYR A 103 21.41 -25.96 8.60
N SER A 104 21.34 -25.31 7.45
CA SER A 104 22.27 -24.25 7.10
C SER A 104 23.69 -24.82 6.99
N ASP A 105 23.81 -26.09 6.63
CA ASP A 105 25.09 -26.76 6.75
C ASP A 105 26.14 -26.10 5.87
N ASN A 106 27.22 -25.64 6.50
CA ASN A 106 28.19 -24.84 5.76
C ASN A 106 28.91 -25.68 4.74
N ALA A 107 29.57 -26.77 5.17
CA ALA A 107 30.31 -27.61 4.24
C ALA A 107 29.45 -28.09 3.09
N ALA A 108 28.19 -28.43 3.35
CA ALA A 108 27.36 -28.94 2.29
C ALA A 108 27.06 -27.86 1.26
N ALA A 109 26.94 -26.60 1.69
CA ALA A 109 26.77 -25.48 0.78
C ALA A 109 27.98 -25.32 -0.14
N ASN A 110 29.18 -25.43 0.42
CA ASN A 110 30.37 -25.28 -0.38
C ASN A 110 30.51 -26.42 -1.39
N LEU A 111 30.08 -27.62 -1.01
CA LEU A 111 30.22 -28.75 -1.91
C LEU A 111 29.27 -28.60 -3.10
N LEU A 112 28.08 -28.07 -2.84
CA LEU A 112 27.15 -27.81 -3.93
C LEU A 112 27.62 -26.63 -4.76
N LEU A 113 28.05 -25.53 -4.11
CA LEU A 113 28.55 -24.39 -4.88
C LEU A 113 29.62 -24.86 -5.88
N LYS A 114 30.48 -25.79 -5.46
CA LYS A 114 31.48 -26.38 -6.34
C LYS A 114 30.84 -27.09 -7.54
N GLU A 115 29.86 -27.96 -7.29
CA GLU A 115 29.18 -28.64 -8.38
C GLU A 115 28.55 -27.68 -9.41
N LEU A 116 28.26 -26.43 -9.03
CA LEU A 116 27.60 -25.46 -9.90
C LEU A 116 28.57 -24.43 -10.46
N GLY A 117 29.84 -24.53 -10.14
CA GLY A 117 30.78 -23.55 -10.58
C GLY A 117 30.91 -22.35 -9.68
N GLY A 118 30.71 -22.52 -8.38
CA GLY A 118 31.05 -21.49 -7.41
C GLY A 118 30.02 -20.38 -7.38
N PRO A 119 30.30 -19.33 -6.59
CA PRO A 119 29.33 -18.21 -6.45
C PRO A 119 28.87 -17.64 -7.77
N ALA A 120 29.79 -17.41 -8.71
CA ALA A 120 29.37 -16.94 -10.03
C ALA A 120 28.35 -17.87 -10.67
N GLY A 121 28.52 -19.19 -10.50
CA GLY A 121 27.55 -20.12 -11.06
C GLY A 121 26.16 -20.05 -10.44
N LEU A 122 26.08 -20.05 -9.12
CA LEU A 122 24.80 -19.78 -8.51
C LEU A 122 24.25 -18.44 -9.01
N THR A 123 25.09 -17.39 -9.06
CA THR A 123 24.63 -16.08 -9.55
C THR A 123 24.09 -16.18 -10.99
N ALA A 124 24.77 -16.91 -11.88
CA ALA A 124 24.21 -17.14 -13.22
C ALA A 124 22.80 -17.71 -13.16
N PHE A 125 22.60 -18.75 -12.35
CA PHE A 125 21.27 -19.33 -12.22
C PHE A 125 20.23 -18.27 -11.87
N MET A 126 20.51 -17.42 -10.88
CA MET A 126 19.51 -16.45 -10.45
C MET A 126 19.26 -15.40 -11.54
N ARG A 127 20.31 -14.97 -12.25
CA ARG A 127 20.08 -14.12 -13.42
C ARG A 127 19.15 -14.80 -14.42
N SER A 128 19.16 -16.14 -14.48
CA SER A 128 18.42 -16.87 -15.52
C SER A 128 16.94 -17.03 -15.21
N ILE A 129 16.50 -16.74 -13.99
CA ILE A 129 15.09 -16.70 -13.62
C ILE A 129 14.60 -15.28 -13.43
N GLY A 130 15.42 -14.30 -13.79
CA GLY A 130 15.02 -12.92 -13.78
C GLY A 130 15.49 -12.09 -12.60
N ASP A 131 16.24 -12.67 -11.66
CA ASP A 131 16.82 -11.91 -10.56
C ASP A 131 18.05 -11.18 -11.11
N THR A 132 17.96 -9.86 -11.27
CA THR A 132 19.09 -9.01 -11.59
C THR A 132 19.68 -8.35 -10.36
N THR A 133 19.23 -8.69 -9.16
CA THR A 133 19.76 -8.08 -7.93
C THR A 133 20.70 -8.98 -7.16
N PHE A 134 20.38 -10.27 -7.13
CA PHE A 134 21.13 -11.25 -6.38
C PHE A 134 22.56 -11.36 -6.91
N ARG A 135 23.51 -11.43 -5.99
CA ARG A 135 24.88 -11.74 -6.38
C ARG A 135 25.51 -12.50 -5.24
N LEU A 136 26.04 -13.69 -5.52
CA LEU A 136 26.97 -14.36 -4.61
C LEU A 136 28.36 -14.26 -5.19
N ASP A 137 29.26 -13.77 -4.37
CA ASP A 137 30.65 -13.57 -4.72
C ASP A 137 31.60 -14.52 -4.04
N ARG A 138 31.24 -15.04 -2.87
CA ARG A 138 32.17 -15.74 -2.00
C ARG A 138 31.53 -17.01 -1.45
N TRP A 139 32.40 -17.85 -0.90
CA TRP A 139 32.07 -19.12 -0.30
C TRP A 139 31.79 -18.94 1.19
N GLU A 140 31.32 -20.01 1.83
CA GLU A 140 31.29 -20.02 3.28
C GLU A 140 32.72 -20.22 3.79
N LEU A 141 33.15 -19.61 4.89
CA LEU A 141 32.41 -18.61 5.68
C LEU A 141 32.68 -17.10 5.37
N GLU A 142 33.64 -16.78 4.48
CA GLU A 142 33.96 -15.37 4.18
C GLU A 142 32.75 -14.55 3.75
N LEU A 143 31.76 -15.18 3.13
CA LEU A 143 30.58 -14.44 2.64
C LEU A 143 29.77 -13.80 3.75
N ASN A 144 30.04 -14.14 5.02
CA ASN A 144 29.34 -13.59 6.16
C ASN A 144 29.93 -12.29 6.70
N SER A 145 30.90 -11.64 6.01
CA SER A 145 31.53 -10.43 6.58
C SER A 145 30.51 -9.36 6.92
N ALA A 146 29.44 -9.28 6.15
CA ALA A 146 28.36 -8.30 6.31
C ALA A 146 28.92 -6.87 6.55
N ILE A 147 29.95 -6.49 5.80
CA ILE A 147 30.55 -5.15 5.96
C ILE A 147 29.56 -4.10 5.46
N PRO A 148 29.28 -3.06 6.21
CA PRO A 148 28.42 -1.98 5.71
C PRO A 148 28.75 -1.51 4.30
N GLY A 149 27.76 -1.56 3.43
CA GLY A 149 27.86 -1.06 2.08
C GLY A 149 28.61 -1.94 1.10
N ASP A 150 29.12 -3.08 1.57
CA ASP A 150 29.68 -4.08 0.70
C ASP A 150 28.58 -4.74 -0.10
N ALA A 151 28.70 -4.71 -1.42
CA ALA A 151 27.64 -5.25 -2.25
C ALA A 151 27.81 -6.75 -2.46
N ARG A 152 28.99 -7.30 -2.10
CA ARG A 152 29.27 -8.72 -2.25
C ARG A 152 28.30 -9.55 -1.41
N ASP A 153 27.81 -10.63 -1.99
CA ASP A 153 26.99 -11.62 -1.31
C ASP A 153 25.75 -10.97 -0.73
N THR A 154 25.05 -10.17 -1.54
CA THR A 154 23.89 -9.41 -1.10
C THR A 154 22.75 -9.65 -2.05
N SER A 155 21.53 -9.44 -1.55
CA SER A 155 20.39 -9.18 -2.39
C SER A 155 19.45 -8.23 -1.66
N SER A 156 18.28 -8.00 -2.25
CA SER A 156 17.29 -7.12 -1.69
C SER A 156 16.09 -7.97 -1.22
N PRO A 157 15.37 -7.59 -0.17
CA PRO A 157 14.20 -8.41 0.21
C PRO A 157 13.23 -8.71 -0.90
N ARG A 158 12.95 -7.75 -1.79
CA ARG A 158 11.97 -8.00 -2.85
C ARG A 158 12.49 -8.95 -3.90
N ALA A 159 13.76 -8.84 -4.27
CA ALA A 159 14.27 -9.80 -5.24
C ALA A 159 14.37 -11.20 -4.62
N VAL A 160 14.58 -11.28 -3.32
CA VAL A 160 14.59 -12.58 -2.66
C VAL A 160 13.18 -13.19 -2.66
N THR A 161 12.16 -12.37 -2.36
CA THR A 161 10.76 -12.83 -2.36
C THR A 161 10.30 -13.17 -3.78
N GLU A 162 10.64 -12.33 -4.76
CA GLU A 162 10.21 -12.57 -6.14
C GLU A 162 10.86 -13.83 -6.71
N SER A 163 12.13 -14.07 -6.39
CA SER A 163 12.78 -15.30 -6.83
C SER A 163 12.19 -16.53 -6.14
N LEU A 164 11.88 -16.40 -4.87
CA LEU A 164 11.33 -17.51 -4.09
C LEU A 164 9.96 -17.93 -4.60
N GLN A 165 9.13 -16.95 -4.94
CA GLN A 165 7.84 -17.21 -5.59
C GLN A 165 8.00 -17.93 -6.92
N LYS A 166 8.99 -17.53 -7.73
CA LYS A 166 9.21 -18.18 -9.03
C LYS A 166 9.54 -19.66 -8.84
N LEU A 167 10.47 -19.95 -7.94
CA LEU A 167 10.98 -21.31 -7.73
C LEU A 167 10.02 -22.22 -6.95
N THR A 168 9.15 -21.70 -6.08
CA THR A 168 8.29 -22.55 -5.24
C THR A 168 6.87 -22.68 -5.78
N LEU A 169 6.40 -21.69 -6.54
CA LEU A 169 5.01 -21.55 -6.91
C LEU A 169 4.78 -21.25 -8.38
N GLY A 170 5.78 -20.78 -9.11
CA GLY A 170 5.64 -20.58 -10.51
C GLY A 170 6.35 -21.62 -11.35
N SER A 171 7.03 -21.15 -12.39
CA SER A 171 7.45 -21.96 -13.51
C SER A 171 8.95 -22.15 -13.64
N ALA A 172 9.77 -21.56 -12.74
CA ALA A 172 11.21 -21.64 -12.95
C ALA A 172 11.72 -23.06 -12.82
N LEU A 173 11.03 -23.90 -12.05
CA LEU A 173 11.41 -25.28 -11.86
C LEU A 173 10.29 -26.20 -12.32
N ALA A 174 10.67 -27.39 -12.79
CA ALA A 174 9.68 -28.40 -13.16
C ALA A 174 8.91 -28.82 -11.92
N ALA A 175 7.68 -29.24 -12.14
CA ALA A 175 6.74 -29.44 -11.02
C ALA A 175 7.31 -30.29 -9.90
N PRO A 176 8.02 -31.41 -10.17
CA PRO A 176 8.55 -32.27 -9.08
C PRO A 176 9.68 -31.61 -8.35
N GLN A 177 10.69 -31.18 -9.13
CA GLN A 177 11.74 -30.30 -8.64
C GLN A 177 11.16 -29.21 -7.76
N ARG A 178 10.08 -28.56 -8.23
CA ARG A 178 9.44 -27.50 -7.46
C ARG A 178 8.90 -28.05 -6.16
N GLN A 179 8.23 -29.20 -6.21
CA GLN A 179 7.72 -29.81 -4.98
C GLN A 179 8.85 -30.19 -4.04
N GLN A 180 9.97 -30.65 -4.58
CA GLN A 180 11.08 -30.97 -3.69
C GLN A 180 11.64 -29.73 -3.01
N PHE A 181 11.68 -28.60 -3.70
CA PHE A 181 12.22 -27.38 -3.08
C PHE A 181 11.29 -26.93 -1.96
N VAL A 182 9.98 -26.90 -2.22
CA VAL A 182 9.02 -26.55 -1.18
C VAL A 182 9.11 -27.51 -0.01
N ASP A 183 9.28 -28.82 -0.30
CA ASP A 183 9.36 -29.80 0.78
C ASP A 183 10.61 -29.58 1.64
N TRP A 184 11.76 -29.37 1.00
CA TRP A 184 12.97 -29.01 1.74
C TRP A 184 12.75 -27.80 2.65
N LEU A 185 12.11 -26.77 2.13
CA LEU A 185 11.87 -25.58 2.91
C LEU A 185 10.96 -25.88 4.09
N LYS A 186 9.96 -26.73 3.87
CA LYS A 186 9.00 -27.02 4.93
C LYS A 186 9.65 -27.78 6.08
N GLY A 187 10.72 -28.51 5.82
CA GLY A 187 11.39 -29.26 6.86
C GLY A 187 12.50 -28.53 7.57
N ASN A 188 12.61 -27.22 7.38
CA ASN A 188 13.66 -26.46 8.00
C ASN A 188 13.56 -26.55 9.50
N THR A 189 14.72 -26.69 10.15
CA THR A 189 14.83 -26.75 11.59
C THR A 189 15.34 -25.49 12.27
N THR A 190 15.94 -24.56 11.53
CA THR A 190 16.58 -23.36 12.08
C THR A 190 15.67 -22.14 12.18
N GLY A 191 14.42 -22.17 11.69
CA GLY A 191 13.66 -20.92 11.60
C GLY A 191 12.55 -20.74 12.60
N ASN A 192 12.59 -21.49 13.70
CA ASN A 192 11.44 -21.58 14.59
C ASN A 192 11.15 -20.27 15.32
N HIS A 193 12.16 -19.50 15.62
CA HIS A 193 11.98 -18.22 16.28
C HIS A 193 11.92 -17.04 15.31
N ARG A 194 11.94 -17.27 14.01
CA ARG A 194 11.87 -16.12 13.13
C ARG A 194 10.48 -16.01 12.51
N ILE A 195 10.35 -16.26 11.21
CA ILE A 195 9.07 -16.02 10.57
C ILE A 195 8.02 -16.97 11.12
N ARG A 196 8.42 -18.21 11.40
CA ARG A 196 7.49 -19.19 11.91
C ARG A 196 6.80 -18.70 13.18
N ALA A 197 7.50 -17.92 13.99
CA ALA A 197 6.94 -17.49 15.25
C ALA A 197 5.91 -16.40 15.04
N ALA A 198 5.90 -15.78 13.86
CA ALA A 198 4.92 -14.75 13.53
C ALA A 198 3.67 -15.30 12.86
N VAL A 199 3.71 -16.54 12.39
CA VAL A 199 2.63 -17.16 11.64
C VAL A 199 1.72 -17.80 12.67
N PRO A 200 0.40 -17.93 12.44
CA PRO A 200 -0.41 -18.78 13.29
C PRO A 200 -0.02 -20.24 13.09
N ALA A 201 0.06 -20.98 14.19
CA ALA A 201 0.53 -22.37 14.07
C ALA A 201 -0.42 -23.25 13.30
N ASP A 202 -1.40 -22.76 12.57
CA ASP A 202 -2.21 -23.63 11.73
C ASP A 202 -1.78 -23.60 10.28
N TRP A 203 -0.80 -22.76 9.95
CA TRP A 203 -0.40 -22.53 8.57
C TRP A 203 0.89 -23.27 8.24
N ALA A 204 0.90 -24.00 7.14
CA ALA A 204 2.14 -24.66 6.73
C ALA A 204 3.15 -23.61 6.29
N VAL A 205 4.38 -23.75 6.75
CA VAL A 205 5.45 -22.81 6.43
C VAL A 205 6.66 -23.60 5.95
N GLY A 206 7.34 -23.05 4.96
CA GLY A 206 8.71 -23.43 4.66
C GLY A 206 9.55 -22.18 4.64
N ASP A 207 10.70 -22.19 5.30
CA ASP A 207 11.56 -21.03 5.34
C ASP A 207 13.04 -21.42 5.28
N LYS A 208 13.88 -20.45 4.94
CA LYS A 208 15.33 -20.57 5.02
C LYS A 208 15.92 -19.36 5.76
N THR A 209 16.76 -19.61 6.77
CA THR A 209 17.41 -18.55 7.54
C THR A 209 18.82 -18.22 7.04
N GLY A 210 19.25 -17.00 7.39
CA GLY A 210 20.65 -16.62 7.30
C GLY A 210 21.10 -15.90 8.57
N THR A 211 22.35 -16.13 8.97
CA THR A 211 22.88 -15.52 10.18
C THR A 211 24.37 -15.29 10.00
N CYS A 212 24.78 -14.04 9.85
CA CYS A 212 26.16 -13.79 9.48
C CYS A 212 27.11 -13.90 10.69
N GLY A 213 26.61 -13.69 11.90
CA GLY A 213 27.42 -13.74 13.09
C GLY A 213 28.07 -12.41 13.48
N VAL A 214 27.75 -11.33 12.77
CA VAL A 214 28.36 -9.99 12.91
C VAL A 214 27.38 -8.92 12.46
N TYR A 215 27.65 -7.69 12.87
CA TYR A 215 26.90 -6.53 12.36
C TYR A 215 25.40 -6.76 12.47
N GLY A 216 25.00 -7.52 13.49
CA GLY A 216 23.59 -7.78 13.78
C GLY A 216 22.80 -8.13 12.55
N THR A 217 23.41 -8.87 11.65
CA THR A 217 22.84 -9.21 10.35
C THR A 217 22.28 -10.62 10.38
N ALA A 218 20.99 -10.75 10.13
CA ALA A 218 20.29 -12.01 10.24
C ALA A 218 19.08 -11.84 9.35
N ASN A 219 18.51 -12.94 8.91
CA ASN A 219 17.39 -12.86 7.97
C ASN A 219 16.68 -14.21 7.91
N ASP A 220 15.69 -14.29 7.04
CA ASP A 220 14.81 -15.43 6.86
C ASP A 220 13.84 -15.08 5.73
N TYR A 221 13.56 -16.04 4.86
CA TYR A 221 12.45 -15.90 3.91
C TYR A 221 11.58 -17.14 3.95
N ALA A 222 10.36 -17.01 3.43
CA ALA A 222 9.34 -18.01 3.70
C ALA A 222 8.23 -17.98 2.65
N VAL A 223 7.67 -19.15 2.35
CA VAL A 223 6.33 -19.31 1.81
C VAL A 223 5.44 -19.78 2.96
N VAL A 224 4.27 -19.17 3.09
CA VAL A 224 3.33 -19.42 4.16
C VAL A 224 1.97 -19.70 3.50
N TRP A 225 1.25 -20.72 4.00
CA TRP A 225 -0.01 -21.17 3.41
C TRP A 225 -1.16 -20.83 4.33
N PRO A 226 -1.88 -19.76 4.07
CA PRO A 226 -3.05 -19.47 4.89
C PRO A 226 -4.15 -20.47 4.62
N THR A 227 -5.02 -20.58 5.61
CA THR A 227 -6.23 -21.39 5.50
C THR A 227 -7.13 -20.87 4.39
N GLY A 228 -7.38 -21.70 3.38
CA GLY A 228 -8.33 -21.35 2.36
C GLY A 228 -7.81 -20.45 1.27
N ARG A 229 -6.52 -20.15 1.26
CA ARG A 229 -6.06 -19.05 0.44
C ARG A 229 -4.76 -19.38 -0.26
N ALA A 230 -4.49 -18.59 -1.28
CA ALA A 230 -3.23 -18.57 -1.94
C ALA A 230 -2.12 -18.30 -0.92
N PRO A 231 -0.91 -18.77 -1.17
CA PRO A 231 0.16 -18.59 -0.19
C PRO A 231 0.73 -17.19 -0.22
N ILE A 232 1.36 -16.83 0.90
CA ILE A 232 2.10 -15.59 1.07
C ILE A 232 3.62 -15.90 0.99
N VAL A 233 4.36 -15.11 0.22
CA VAL A 233 5.82 -15.18 0.18
C VAL A 233 6.37 -13.92 0.83
N LEU A 234 7.34 -14.06 1.76
CA LEU A 234 7.92 -12.88 2.41
C LEU A 234 9.42 -13.06 2.73
N ALA A 235 10.13 -11.94 2.81
CA ALA A 235 11.53 -11.88 3.26
C ALA A 235 11.73 -10.74 4.25
N VAL A 236 12.54 -11.01 5.26
CA VAL A 236 12.76 -10.09 6.35
C VAL A 236 14.26 -10.15 6.63
N TYR A 237 14.97 -9.09 6.27
CA TYR A 237 16.41 -9.03 6.48
C TYR A 237 16.74 -7.93 7.48
N THR A 238 17.89 -8.05 8.13
CA THR A 238 18.33 -7.07 9.10
C THR A 238 19.83 -6.90 8.96
N ARG A 239 20.29 -5.74 9.41
CA ARG A 239 21.70 -5.49 9.63
C ARG A 239 21.83 -4.39 10.67
N ALA A 240 23.05 -4.21 11.15
CA ALA A 240 23.36 -3.14 12.08
C ALA A 240 24.74 -2.55 11.80
N PRO A 241 24.97 -1.28 12.13
CA PRO A 241 26.19 -0.62 11.65
C PRO A 241 27.46 -0.86 12.47
N ASN A 242 27.37 -1.48 13.65
CA ASN A 242 28.55 -1.85 14.41
C ASN A 242 28.83 -3.35 14.25
N LYS A 243 30.11 -3.71 14.08
CA LYS A 243 30.45 -5.14 13.96
C LYS A 243 29.95 -5.91 15.16
N ASP A 244 29.99 -5.25 16.33
CA ASP A 244 29.66 -5.86 17.62
C ASP A 244 28.17 -6.15 17.78
N ASP A 245 27.34 -5.50 16.98
CA ASP A 245 25.90 -5.51 17.17
C ASP A 245 25.34 -6.93 17.12
N LYS A 246 24.49 -7.25 18.07
CA LYS A 246 23.88 -8.56 18.10
C LYS A 246 22.64 -8.55 17.23
N HIS A 247 22.50 -9.57 16.40
CA HIS A 247 21.27 -9.71 15.65
C HIS A 247 20.11 -10.00 16.60
N SER A 248 18.91 -10.06 16.04
CA SER A 248 17.71 -10.23 16.85
C SER A 248 16.69 -11.06 16.08
N GLU A 249 16.43 -12.28 16.55
CA GLU A 249 15.35 -13.06 15.96
C GLU A 249 14.00 -12.43 16.28
N ALA A 250 13.85 -11.86 17.48
CA ALA A 250 12.59 -11.18 17.83
C ALA A 250 12.20 -10.16 16.77
N VAL A 251 13.14 -9.29 16.40
CA VAL A 251 12.83 -8.24 15.41
C VAL A 251 12.40 -8.86 14.09
N ILE A 252 13.10 -9.91 13.65
CA ILE A 252 12.69 -10.59 12.43
C ILE A 252 11.25 -11.08 12.57
N ALA A 253 10.92 -11.71 13.71
CA ALA A 253 9.55 -12.19 13.93
C ALA A 253 8.55 -11.03 13.91
N ALA A 254 8.83 -10.01 14.70
CA ALA A 254 8.00 -8.82 14.80
C ALA A 254 7.79 -8.18 13.45
N ALA A 255 8.86 -7.96 12.67
CA ALA A 255 8.68 -7.35 11.37
C ALA A 255 7.85 -8.23 10.45
N ALA A 256 8.08 -9.55 10.50
CA ALA A 256 7.23 -10.48 9.74
C ALA A 256 5.76 -10.33 10.12
N ARG A 257 5.48 -10.27 11.43
CA ARG A 257 4.15 -10.00 11.96
C ARG A 257 3.55 -8.75 11.34
N LEU A 258 4.30 -7.64 11.37
CA LEU A 258 3.79 -6.40 10.82
C LEU A 258 3.45 -6.54 9.34
N ALA A 259 4.28 -7.25 8.59
CA ALA A 259 3.96 -7.54 7.20
C ALA A 259 2.70 -8.37 7.07
N LEU A 260 2.63 -9.47 7.84
CA LEU A 260 1.46 -10.34 7.76
C LEU A 260 0.18 -9.62 8.16
N GLU A 261 0.25 -8.78 9.17
CA GLU A 261 -0.93 -8.05 9.57
C GLU A 261 -1.24 -6.91 8.60
N GLY A 262 -0.20 -6.38 7.94
CA GLY A 262 -0.45 -5.42 6.87
C GLY A 262 -1.21 -6.05 5.72
N LEU A 263 -0.91 -7.30 5.40
CA LEU A 263 -1.54 -7.88 4.23
C LEU A 263 -3.00 -8.18 4.48
N GLY A 264 -3.39 -8.32 5.74
N VAL B 4 34.35 4.42 18.04
CA VAL B 4 33.93 5.65 18.71
C VAL B 4 32.64 6.11 18.04
N ALA B 5 31.54 5.41 18.40
CA ALA B 5 30.22 5.65 17.84
C ALA B 5 29.20 6.20 18.84
N GLU B 6 29.48 6.19 20.13
CA GLU B 6 28.48 6.60 21.12
C GLU B 6 28.02 8.04 20.95
N PRO B 7 28.89 9.01 20.65
CA PRO B 7 28.41 10.39 20.52
C PRO B 7 27.34 10.57 19.44
N PHE B 8 27.50 9.91 18.29
CA PHE B 8 26.48 10.01 17.27
C PHE B 8 25.17 9.41 17.74
N ALA B 9 25.25 8.24 18.44
CA ALA B 9 24.06 7.62 19.02
C ALA B 9 23.34 8.56 19.98
N LYS B 10 24.09 9.30 20.79
CA LYS B 10 23.45 10.22 21.73
C LYS B 10 22.85 11.39 20.99
N LEU B 11 23.53 11.84 19.93
CA LEU B 11 23.02 12.93 19.10
C LEU B 11 21.72 12.55 18.46
N GLU B 12 21.77 11.42 17.76
CA GLU B 12 20.65 10.64 17.24
C GLU B 12 19.46 10.63 18.17
N GLN B 13 19.70 10.24 19.43
CA GLN B 13 18.62 9.95 20.38
C GLN B 13 17.98 11.23 20.90
N ASP B 14 18.80 12.23 21.20
CA ASP B 14 18.27 13.54 21.55
C ASP B 14 17.38 14.08 20.45
N PHE B 15 17.82 13.93 19.20
CA PHE B 15 17.06 14.39 18.04
C PHE B 15 15.79 13.57 17.81
N GLY B 16 15.81 12.30 18.17
CA GLY B 16 14.62 11.50 18.05
C GLY B 16 14.50 10.76 16.74
N GLY B 17 15.60 10.55 16.04
CA GLY B 17 15.58 9.90 14.75
C GLY B 17 16.88 9.24 14.49
N SER B 18 17.34 9.27 13.25
CA SER B 18 18.57 8.63 12.81
C SER B 18 19.49 9.64 12.12
N ILE B 19 20.79 9.48 12.30
CA ILE B 19 21.82 10.33 11.71
C ILE B 19 22.82 9.47 10.93
N GLY B 20 23.07 9.84 9.66
CA GLY B 20 24.10 9.21 8.86
C GLY B 20 25.20 10.21 8.53
N VAL B 21 26.43 9.78 8.75
CA VAL B 21 27.62 10.61 8.66
C VAL B 21 28.73 9.84 7.94
N TYR B 22 29.39 10.51 6.99
CA TYR B 22 30.65 10.04 6.44
C TYR B 22 31.56 11.22 6.13
N ALA B 23 32.81 11.11 6.57
CA ALA B 23 33.79 12.16 6.25
C ALA B 23 35.10 11.53 5.83
N MET B 24 35.76 12.20 4.88
CA MET B 24 37.04 11.79 4.31
C MET B 24 38.04 12.94 4.37
N ASP B 25 39.17 12.72 5.00
CA ASP B 25 40.28 13.66 4.92
C ASP B 25 41.10 13.30 3.68
N THR B 26 41.15 14.20 2.70
CA THR B 26 41.90 13.85 1.51
C THR B 26 43.42 13.83 1.71
N GLY B 27 43.94 14.38 2.81
CA GLY B 27 45.37 14.38 3.04
C GLY B 27 45.84 13.09 3.67
N SER B 28 45.16 12.69 4.72
CA SER B 28 45.53 11.46 5.42
C SER B 28 44.84 10.22 4.88
N GLY B 29 43.66 10.36 4.33
CA GLY B 29 42.86 9.19 4.01
C GLY B 29 41.95 8.72 5.14
N ALA B 30 41.93 9.42 6.27
CA ALA B 30 41.18 8.93 7.42
C ALA B 30 39.71 9.23 7.23
N THR B 31 38.87 8.44 7.88
CA THR B 31 37.44 8.61 7.70
C THR B 31 36.72 8.55 9.02
N VAL B 32 35.53 9.16 9.05
CA VAL B 32 34.58 9.02 10.15
C VAL B 32 33.30 8.49 9.55
N SER B 33 32.69 7.50 10.21
CA SER B 33 31.58 6.76 9.64
C SER B 33 30.60 6.44 10.76
N TYR B 34 29.35 6.86 10.57
CA TYR B 34 28.24 6.53 11.43
C TYR B 34 27.01 6.34 10.55
N ARG B 35 26.44 5.15 10.56
CA ARG B 35 25.34 4.81 9.68
C ARG B 35 25.67 5.23 8.23
N ALA B 36 26.97 5.16 7.87
CA ALA B 36 27.46 5.79 6.64
C ALA B 36 26.91 5.13 5.39
N GLU B 37 26.46 3.88 5.48
CA GLU B 37 26.05 3.12 4.29
C GLU B 37 24.55 2.93 4.19
N GLU B 38 23.80 3.36 5.18
CA GLU B 38 22.34 3.32 5.13
C GLU B 38 21.78 4.29 4.09
N ARG B 39 20.63 3.95 3.46
CA ARG B 39 19.94 4.90 2.58
C ARG B 39 19.23 5.97 3.42
N PHE B 40 19.47 7.24 3.08
CA PHE B 40 18.69 8.40 3.51
C PHE B 40 18.14 9.16 2.30
N PRO B 41 17.00 9.84 2.42
CA PRO B 41 16.51 10.64 1.30
C PRO B 41 17.46 11.78 1.02
N LEU B 42 17.67 12.04 -0.27
CA LEU B 42 18.45 13.16 -0.77
C LEU B 42 17.76 14.51 -0.55
N CYS B 43 16.44 14.55 -0.62
CA CYS B 43 15.73 15.79 -0.71
C CYS B 43 16.37 16.68 -1.79
N SER B 44 16.54 17.96 -1.50
CA SER B 44 17.14 18.91 -2.44
C SER B 44 18.65 18.74 -2.63
N SER B 45 19.30 17.93 -1.80
CA SER B 45 20.74 17.73 -2.00
C SER B 45 21.05 17.14 -3.36
N PHE B 46 20.10 16.51 -4.03
CA PHE B 46 20.37 15.96 -5.34
C PHE B 46 20.73 17.05 -6.35
N LYS B 47 20.40 18.32 -6.05
CA LYS B 47 20.61 19.41 -7.01
C LYS B 47 22.10 19.68 -7.28
N GLY B 48 22.98 19.39 -6.32
CA GLY B 48 24.41 19.61 -6.56
C GLY B 48 24.95 18.63 -7.59
N PHE B 49 24.51 17.38 -7.51
CA PHE B 49 24.85 16.39 -8.51
C PHE B 49 24.19 16.71 -9.84
N LEU B 50 23.00 17.31 -9.81
CA LEU B 50 22.38 17.80 -11.03
C LEU B 50 23.28 18.82 -11.72
N ALA B 51 23.72 19.85 -10.99
CA ALA B 51 24.60 20.87 -11.57
C ALA B 51 25.82 20.24 -12.21
N ALA B 52 26.47 19.33 -11.49
CA ALA B 52 27.62 18.60 -11.99
C ALA B 52 27.29 17.87 -13.27
N ALA B 53 26.19 17.13 -13.29
CA ALA B 53 25.79 16.46 -14.50
C ALA B 53 25.64 17.46 -15.64
N VAL B 54 25.01 18.60 -15.38
CA VAL B 54 24.86 19.62 -16.42
C VAL B 54 26.25 20.02 -16.93
N LEU B 55 27.17 20.27 -16.01
CA LEU B 55 28.55 20.59 -16.35
C LEU B 55 29.21 19.47 -17.15
N ALA B 56 29.05 18.22 -16.73
CA ALA B 56 29.54 17.09 -17.53
C ALA B 56 29.04 17.16 -18.96
N ARG B 57 27.77 17.50 -19.16
CA ARG B 57 27.23 17.57 -20.51
C ARG B 57 27.85 18.69 -21.35
N SER B 58 28.33 19.77 -20.72
CA SER B 58 28.86 20.91 -21.47
C SER B 58 30.27 20.63 -22.00
N GLN B 59 30.90 19.54 -21.53
CA GLN B 59 32.15 19.08 -22.10
C GLN B 59 31.92 18.45 -23.47
N GLN B 60 30.68 18.12 -23.80
CA GLN B 60 30.39 17.55 -25.11
C GLN B 60 29.67 18.52 -26.02
N GLN B 61 28.86 19.43 -25.49
CA GLN B 61 28.04 20.30 -26.31
C GLN B 61 28.31 21.75 -25.96
N ALA B 62 29.12 22.37 -26.82
CA ALA B 62 29.50 23.76 -26.62
C ALA B 62 28.25 24.61 -26.50
N GLY B 63 28.33 25.66 -25.64
CA GLY B 63 27.28 26.65 -25.47
C GLY B 63 26.26 26.30 -24.40
N LEU B 64 26.31 25.08 -23.84
CA LEU B 64 25.20 24.59 -23.04
C LEU B 64 24.84 25.54 -21.91
N LEU B 65 25.86 25.96 -21.15
CA LEU B 65 25.62 26.87 -20.03
C LEU B 65 25.14 28.23 -20.49
N ASP B 66 25.59 28.70 -21.66
CA ASP B 66 25.07 29.96 -22.18
C ASP B 66 23.67 29.83 -22.81
N THR B 67 23.13 28.63 -22.96
CA THR B 67 21.84 28.45 -23.65
C THR B 67 20.67 28.94 -22.80
N PRO B 68 19.90 29.93 -23.27
CA PRO B 68 18.72 30.39 -22.51
C PRO B 68 17.55 29.41 -22.56
N ILE B 69 16.83 29.34 -21.44
CA ILE B 69 15.64 28.52 -21.26
C ILE B 69 14.45 29.46 -21.04
N ARG B 70 13.53 29.50 -22.00
CA ARG B 70 12.32 30.32 -21.89
C ARG B 70 11.22 29.43 -21.32
N TYR B 71 11.06 29.48 -20.01
CA TYR B 71 10.11 28.62 -19.32
C TYR B 71 8.82 29.38 -19.06
N GLY B 72 7.67 28.67 -19.16
CA GLY B 72 6.39 29.25 -18.82
C GLY B 72 6.00 29.02 -17.36
N LYS B 73 4.92 29.70 -16.95
CA LYS B 73 4.47 29.62 -15.55
C LYS B 73 4.16 28.19 -15.14
N ASN B 74 3.77 27.33 -16.08
CA ASN B 74 3.48 25.95 -15.71
C ASN B 74 4.71 25.12 -15.36
N ALA B 75 5.92 25.65 -15.46
CA ALA B 75 7.07 24.99 -14.88
C ALA B 75 7.30 25.45 -13.45
N LEU B 76 6.59 26.47 -12.99
CA LEU B 76 6.84 27.02 -11.66
C LEU B 76 6.18 26.15 -10.58
N VAL B 77 6.98 25.74 -9.62
CA VAL B 77 6.52 25.00 -8.45
C VAL B 77 6.95 25.82 -7.24
N PRO B 78 6.31 25.64 -6.10
CA PRO B 78 6.67 26.42 -4.92
C PRO B 78 8.13 26.21 -4.49
N TRP B 79 8.58 27.17 -3.71
CA TRP B 79 9.99 27.31 -3.34
C TRP B 79 10.87 27.45 -4.58
N SER B 80 10.50 28.36 -5.45
CA SER B 80 11.22 28.60 -6.68
C SER B 80 11.47 30.10 -6.88
N PRO B 81 12.06 30.76 -5.87
CA PRO B 81 12.06 32.23 -5.85
C PRO B 81 12.83 32.86 -7.00
N ILE B 82 14.04 32.38 -7.28
CA ILE B 82 14.79 32.89 -8.43
C ILE B 82 14.02 32.60 -9.72
N SER B 83 13.40 31.44 -9.80
CA SER B 83 12.74 31.05 -11.02
C SER B 83 11.51 31.93 -11.24
N GLU B 84 10.76 32.20 -10.16
CA GLU B 84 9.59 33.06 -10.20
C GLU B 84 9.96 34.51 -10.51
N LYS B 85 11.10 34.96 -9.98
CA LYS B 85 11.57 36.32 -10.20
C LYS B 85 11.92 36.58 -11.67
N TYR B 86 12.55 35.62 -12.35
CA TYR B 86 13.01 35.78 -13.74
C TYR B 86 12.05 35.16 -14.75
N LEU B 87 10.81 34.90 -14.34
CA LEU B 87 9.83 34.26 -15.19
C LEU B 87 9.70 34.97 -16.52
N THR B 88 9.61 36.30 -16.49
CA THR B 88 9.34 37.04 -17.71
C THR B 88 10.52 36.93 -18.67
N THR B 89 11.75 36.95 -18.14
CA THR B 89 12.95 36.88 -18.97
C THR B 89 13.38 35.45 -19.27
N GLY B 90 13.18 34.51 -18.35
CA GLY B 90 13.81 33.20 -18.44
C GLY B 90 15.22 33.24 -17.87
N MET B 91 15.97 32.15 -18.10
CA MET B 91 17.27 31.98 -17.44
C MET B 91 18.14 31.04 -18.26
N THR B 92 19.44 31.34 -18.29
CA THR B 92 20.39 30.44 -18.94
C THR B 92 20.55 29.15 -18.14
N VAL B 93 21.07 28.12 -18.80
CA VAL B 93 21.40 26.89 -18.10
C VAL B 93 22.32 27.18 -16.92
N ALA B 94 23.33 28.04 -17.13
CA ALA B 94 24.22 28.41 -16.02
C ALA B 94 23.44 29.10 -14.90
N GLU B 95 22.53 29.99 -15.24
CA GLU B 95 21.79 30.69 -14.19
C GLU B 95 20.80 29.76 -13.48
N LEU B 96 20.20 28.83 -14.21
CA LEU B 96 19.35 27.83 -13.58
C LEU B 96 20.17 26.95 -12.62
N SER B 97 21.35 26.50 -13.04
CA SER B 97 22.17 25.66 -12.18
C SER B 97 22.58 26.36 -10.89
N ALA B 98 22.96 27.63 -10.97
CA ALA B 98 23.31 28.38 -9.77
C ALA B 98 22.09 28.58 -8.87
N ALA B 99 20.94 28.87 -9.48
CA ALA B 99 19.69 28.96 -8.70
C ALA B 99 19.38 27.65 -7.95
N ALA B 100 19.53 26.52 -8.64
CA ALA B 100 19.28 25.21 -8.04
C ALA B 100 20.24 24.94 -6.89
N VAL B 101 21.53 25.21 -7.10
CA VAL B 101 22.54 24.88 -6.10
C VAL B 101 22.51 25.88 -4.94
N GLN B 102 22.36 27.18 -5.23
CA GLN B 102 22.67 28.18 -4.21
C GLN B 102 21.46 28.70 -3.48
N TYR B 103 20.27 28.44 -3.99
CA TYR B 103 19.01 28.81 -3.37
C TYR B 103 18.07 27.63 -3.32
N SER B 104 18.55 26.46 -3.75
CA SER B 104 17.74 25.24 -3.87
C SER B 104 16.44 25.50 -4.65
N ASP B 105 16.54 26.27 -5.74
CA ASP B 105 15.37 26.61 -6.53
C ASP B 105 14.77 25.35 -7.15
N ASN B 106 13.52 25.02 -6.75
CA ASN B 106 12.86 23.79 -7.24
C ASN B 106 12.65 23.78 -8.75
N ALA B 107 11.96 24.79 -9.28
CA ALA B 107 11.66 24.78 -10.70
C ALA B 107 12.94 24.79 -11.54
N ALA B 108 13.92 25.58 -11.13
CA ALA B 108 15.20 25.58 -11.84
C ALA B 108 15.75 24.15 -11.95
N ALA B 109 15.60 23.37 -10.87
CA ALA B 109 16.01 21.96 -10.85
C ALA B 109 15.21 21.13 -11.86
N ASN B 110 13.89 21.29 -11.91
CA ASN B 110 13.12 20.46 -12.84
C ASN B 110 13.48 20.76 -14.29
N LEU B 111 13.73 22.04 -14.63
CA LEU B 111 14.16 22.39 -15.99
C LEU B 111 15.49 21.77 -16.34
N LEU B 112 16.44 21.81 -15.43
CA LEU B 112 17.72 21.14 -15.68
C LEU B 112 17.53 19.64 -15.88
N LEU B 113 16.67 19.00 -15.06
CA LEU B 113 16.42 17.57 -15.18
C LEU B 113 15.93 17.22 -16.57
N LYS B 114 15.03 18.02 -17.11
CA LYS B 114 14.53 17.79 -18.44
C LYS B 114 15.64 17.93 -19.48
N GLU B 115 16.61 18.78 -19.22
CA GLU B 115 17.79 18.83 -20.08
C GLU B 115 18.59 17.54 -20.01
N LEU B 116 18.50 16.81 -18.90
CA LEU B 116 19.31 15.62 -18.68
C LEU B 116 18.59 14.32 -19.02
N GLY B 117 17.29 14.39 -19.25
CA GLY B 117 16.49 13.22 -19.48
C GLY B 117 15.75 12.76 -18.25
N GLY B 118 15.39 13.66 -17.36
CA GLY B 118 14.66 13.33 -16.17
C GLY B 118 15.53 12.79 -15.04
N PRO B 119 14.90 12.43 -13.91
CA PRO B 119 15.63 11.74 -12.83
C PRO B 119 16.35 10.46 -13.29
N ALA B 120 15.85 9.73 -14.30
CA ALA B 120 16.56 8.55 -14.81
C ALA B 120 17.88 8.93 -15.47
N GLY B 121 17.96 10.15 -16.03
CA GLY B 121 19.16 10.58 -16.69
C GLY B 121 20.21 11.12 -15.74
N LEU B 122 19.79 11.77 -14.66
CA LEU B 122 20.77 12.08 -13.64
C LEU B 122 21.34 10.80 -13.01
N THR B 123 20.46 9.84 -12.70
CA THR B 123 20.90 8.55 -12.18
C THR B 123 21.90 7.90 -13.11
N ALA B 124 21.56 7.84 -14.38
CA ALA B 124 22.51 7.49 -15.43
C ALA B 124 23.86 8.18 -15.22
N PHE B 125 23.86 9.50 -15.01
CA PHE B 125 25.13 10.20 -14.85
C PHE B 125 25.87 9.71 -13.62
N MET B 126 25.20 9.61 -12.49
CA MET B 126 25.83 9.11 -11.28
C MET B 126 26.42 7.71 -11.52
N ARG B 127 25.66 6.81 -12.12
CA ARG B 127 26.22 5.51 -12.39
C ARG B 127 27.46 5.63 -13.26
N SER B 128 27.44 6.60 -14.19
CA SER B 128 28.55 6.77 -15.14
C SER B 128 29.85 7.15 -14.45
N ILE B 129 29.79 7.76 -13.27
CA ILE B 129 30.97 8.05 -12.50
C ILE B 129 31.25 7.02 -11.41
N GLY B 130 30.46 5.96 -11.33
CA GLY B 130 30.74 4.90 -10.41
C GLY B 130 29.97 4.94 -9.12
N ASP B 131 28.89 5.70 -9.06
CA ASP B 131 28.02 5.69 -7.91
C ASP B 131 26.94 4.64 -8.19
N THR B 132 26.94 3.56 -7.44
CA THR B 132 25.97 2.48 -7.62
C THR B 132 24.81 2.57 -6.67
N THR B 133 24.79 3.59 -5.83
CA THR B 133 23.81 3.77 -4.77
C THR B 133 22.78 4.84 -5.07
N PHE B 134 23.23 6.02 -5.50
CA PHE B 134 22.33 7.12 -5.84
C PHE B 134 21.19 6.70 -6.74
N ARG B 135 19.97 7.04 -6.34
CA ARG B 135 18.81 6.93 -7.23
C ARG B 135 17.94 8.17 -7.08
N LEU B 136 17.65 8.81 -8.21
CA LEU B 136 16.61 9.81 -8.28
C LEU B 136 15.53 9.28 -9.19
N ASP B 137 14.32 9.31 -8.69
CA ASP B 137 13.17 8.71 -9.27
C ASP B 137 12.07 9.68 -9.67
N ARG B 138 11.92 10.78 -8.94
CA ARG B 138 10.85 11.75 -9.14
C ARG B 138 11.43 13.15 -9.26
N TRP B 139 10.58 14.10 -9.61
CA TRP B 139 10.92 15.51 -9.71
C TRP B 139 10.53 16.26 -8.45
N GLU B 140 10.81 17.55 -8.47
CA GLU B 140 10.38 18.38 -7.39
C GLU B 140 8.90 18.58 -7.65
N LEU B 141 8.03 18.65 -6.65
CA LEU B 141 8.35 18.45 -5.23
C LEU B 141 8.08 17.04 -4.71
N GLU B 142 7.63 16.10 -5.56
CA GLU B 142 7.28 14.75 -5.08
C GLU B 142 8.42 14.05 -4.36
N LEU B 143 9.64 14.31 -4.77
CA LEU B 143 10.81 13.59 -4.28
C LEU B 143 11.05 13.85 -2.81
N ASN B 144 10.32 14.79 -2.21
CA ASN B 144 10.50 15.09 -0.79
C ASN B 144 9.63 14.24 0.15
N SER B 145 8.91 13.24 -0.32
CA SER B 145 7.99 12.53 0.57
C SER B 145 8.71 11.76 1.68
N ALA B 146 9.91 11.25 1.42
CA ALA B 146 10.82 10.80 2.49
C ALA B 146 10.19 9.76 3.38
N ILE B 147 9.33 8.94 2.82
CA ILE B 147 8.61 7.96 3.62
C ILE B 147 9.62 6.96 4.20
N PRO B 148 9.59 6.63 5.48
CA PRO B 148 10.53 5.63 5.97
C PRO B 148 10.43 4.33 5.17
N GLY B 149 11.58 3.79 4.77
CA GLY B 149 11.68 2.53 4.03
C GLY B 149 11.57 2.64 2.54
N ASP B 150 11.09 3.76 2.02
CA ASP B 150 11.08 3.97 0.59
C ASP B 150 12.50 4.27 0.10
N ALA B 151 12.93 3.57 -0.97
CA ALA B 151 14.25 3.77 -1.55
C ALA B 151 14.28 4.88 -2.58
N ARG B 152 13.12 5.32 -3.04
CA ARG B 152 13.06 6.38 -4.04
C ARG B 152 13.81 7.63 -3.59
N ASP B 153 14.56 8.22 -4.53
CA ASP B 153 15.25 9.46 -4.26
C ASP B 153 16.08 9.39 -2.97
N THR B 154 16.93 8.37 -2.89
CA THR B 154 17.83 8.18 -1.75
C THR B 154 19.27 7.94 -2.19
N SER B 155 20.17 8.27 -1.28
CA SER B 155 21.51 7.73 -1.38
C SER B 155 22.02 7.40 0.01
N SER B 156 23.33 7.13 0.12
CA SER B 156 23.99 6.90 1.41
C SER B 156 25.04 7.98 1.68
N PRO B 157 25.32 8.30 2.96
CA PRO B 157 26.31 9.37 3.20
C PRO B 157 27.67 9.09 2.54
N ARG B 158 28.11 7.82 2.56
CA ARG B 158 29.36 7.40 1.95
C ARG B 158 29.34 7.61 0.45
N ALA B 159 28.27 7.16 -0.21
CA ALA B 159 28.19 7.28 -1.66
C ALA B 159 28.21 8.75 -2.09
N VAL B 160 27.49 9.59 -1.36
CA VAL B 160 27.41 11.03 -1.66
C VAL B 160 28.78 11.68 -1.53
N THR B 161 29.42 11.48 -0.38
CA THR B 161 30.80 11.94 -0.18
C THR B 161 31.71 11.50 -1.31
N GLU B 162 31.66 10.21 -1.70
CA GLU B 162 32.64 9.73 -2.67
C GLU B 162 32.39 10.35 -4.05
N SER B 163 31.12 10.47 -4.45
CA SER B 163 30.81 11.21 -5.67
C SER B 163 31.16 12.69 -5.57
N LEU B 164 30.90 13.31 -4.41
CA LEU B 164 31.27 14.71 -4.25
C LEU B 164 32.77 14.88 -4.46
N GLN B 165 33.57 14.05 -3.81
CA GLN B 165 35.01 13.90 -4.02
C GLN B 165 35.40 13.77 -5.49
N LYS B 166 34.84 12.78 -6.20
CA LYS B 166 35.22 12.56 -7.60
C LYS B 166 34.98 13.84 -8.42
N LEU B 167 33.82 14.48 -8.20
CA LEU B 167 33.39 15.62 -9.01
C LEU B 167 34.08 16.92 -8.63
N THR B 168 34.38 17.13 -7.37
CA THR B 168 34.98 18.38 -6.95
C THR B 168 36.52 18.32 -6.90
N LEU B 169 37.17 17.17 -6.61
CA LEU B 169 38.65 17.07 -6.49
C LEU B 169 39.32 16.05 -7.41
N GLY B 170 38.60 15.07 -7.88
CA GLY B 170 39.15 14.04 -8.72
C GLY B 170 39.04 14.41 -10.18
N SER B 171 38.82 13.42 -11.02
CA SER B 171 38.83 13.67 -12.45
C SER B 171 37.46 13.43 -13.07
N ALA B 172 36.41 13.34 -12.23
CA ALA B 172 35.05 13.10 -12.72
C ALA B 172 34.60 14.19 -13.72
N LEU B 173 34.99 15.42 -13.51
CA LEU B 173 34.75 16.47 -14.47
C LEU B 173 36.08 17.00 -14.97
N ALA B 174 36.03 17.59 -16.16
CA ALA B 174 37.13 18.40 -16.65
C ALA B 174 37.34 19.61 -15.73
N ALA B 175 38.58 20.08 -15.71
CA ALA B 175 38.98 21.06 -14.70
C ALA B 175 38.18 22.35 -14.71
N PRO B 176 37.86 22.99 -15.84
CA PRO B 176 37.00 24.18 -15.76
C PRO B 176 35.61 23.85 -15.22
N GLN B 177 34.97 22.82 -15.78
CA GLN B 177 33.72 22.31 -15.23
C GLN B 177 33.83 22.08 -13.72
N ARG B 178 34.92 21.44 -13.30
CA ARG B 178 35.17 21.21 -11.89
C ARG B 178 35.22 22.52 -11.13
N GLN B 179 36.00 23.46 -11.63
CA GLN B 179 36.07 24.78 -10.98
C GLN B 179 34.69 25.41 -10.82
N GLN B 180 33.88 25.43 -11.88
CA GLN B 180 32.55 26.05 -11.76
C GLN B 180 31.63 25.28 -10.80
N PHE B 181 31.73 23.95 -10.73
CA PHE B 181 30.98 23.19 -9.73
C PHE B 181 31.31 23.72 -8.34
N VAL B 182 32.61 23.83 -8.08
CA VAL B 182 33.11 24.27 -6.79
C VAL B 182 32.66 25.70 -6.51
N ASP B 183 32.82 26.57 -7.50
CA ASP B 183 32.35 27.94 -7.33
C ASP B 183 30.88 27.97 -6.91
N TRP B 184 30.02 27.20 -7.57
CA TRP B 184 28.62 27.21 -7.19
C TRP B 184 28.44 26.71 -5.74
N LEU B 185 29.06 25.59 -5.37
CA LEU B 185 28.93 25.14 -3.99
C LEU B 185 29.43 26.18 -2.99
N LYS B 186 30.58 26.79 -3.24
CA LYS B 186 31.07 27.81 -2.33
C LYS B 186 30.05 28.93 -2.12
N GLY B 187 29.46 29.42 -3.18
CA GLY B 187 28.51 30.52 -3.04
C GLY B 187 27.10 30.12 -2.60
N ASN B 188 26.89 28.89 -2.10
CA ASN B 188 25.56 28.47 -1.57
C ASN B 188 25.09 29.37 -0.43
N THR B 189 23.79 29.68 -0.43
CA THR B 189 23.20 30.54 0.59
C THR B 189 22.42 29.80 1.67
N THR B 190 22.24 28.48 1.58
CA THR B 190 21.25 27.81 2.40
C THR B 190 21.84 27.02 3.57
N GLY B 191 23.16 26.99 3.71
CA GLY B 191 23.80 26.05 4.61
C GLY B 191 24.46 26.64 5.83
N ASN B 192 24.24 27.92 6.12
CA ASN B 192 24.97 28.59 7.20
C ASN B 192 24.71 27.92 8.55
N HIS B 193 23.56 27.30 8.73
CA HIS B 193 23.27 26.67 10.00
C HIS B 193 23.54 25.17 10.02
N ARG B 194 24.26 24.65 9.01
CA ARG B 194 24.51 23.22 8.91
C ARG B 194 26.04 23.04 8.94
N ILE B 195 26.62 22.34 7.96
CA ILE B 195 28.04 22.00 8.01
C ILE B 195 28.86 23.27 8.20
N ARG B 196 28.46 24.37 7.54
CA ARG B 196 29.14 25.65 7.71
C ARG B 196 29.27 26.09 9.17
N ALA B 197 28.22 25.91 9.98
CA ALA B 197 28.17 26.26 11.38
C ALA B 197 29.10 25.45 12.23
N ALA B 198 29.78 24.45 11.67
CA ALA B 198 30.70 23.61 12.40
C ALA B 198 32.15 23.87 12.05
N VAL B 199 32.41 24.77 11.12
CA VAL B 199 33.73 24.96 10.52
C VAL B 199 34.31 26.25 11.06
N PRO B 200 35.51 26.25 11.66
CA PRO B 200 36.21 27.51 11.89
C PRO B 200 35.95 28.47 10.75
N ALA B 201 35.62 29.73 11.03
CA ALA B 201 35.34 30.68 9.98
C ALA B 201 36.53 30.95 9.06
N ASP B 202 37.73 30.52 9.45
CA ASP B 202 38.89 30.65 8.55
C ASP B 202 38.72 29.84 7.27
N TRP B 203 37.98 28.73 7.33
CA TRP B 203 38.01 27.72 6.27
C TRP B 203 37.03 28.05 5.14
N ALA B 204 37.42 27.70 3.90
CA ALA B 204 36.50 27.80 2.77
C ALA B 204 35.61 26.55 2.67
N VAL B 205 34.34 26.78 2.35
CA VAL B 205 33.34 25.70 2.38
C VAL B 205 32.49 25.83 1.12
N GLY B 206 32.13 24.70 0.52
CA GLY B 206 31.08 24.66 -0.46
C GLY B 206 30.15 23.54 -0.07
N ASP B 207 28.85 23.79 -0.10
CA ASP B 207 27.89 22.77 0.32
C ASP B 207 26.63 22.82 -0.51
N LYS B 208 25.84 21.76 -0.37
CA LYS B 208 24.47 21.71 -0.84
C LYS B 208 23.71 21.02 0.27
N THR B 209 22.58 21.62 0.62
CA THR B 209 21.63 21.20 1.62
C THR B 209 20.49 20.43 0.98
N GLY B 210 19.76 19.71 1.81
CA GLY B 210 18.48 19.14 1.43
C GLY B 210 17.55 19.21 2.65
N THR B 211 16.27 19.48 2.40
CA THR B 211 15.27 19.60 3.44
C THR B 211 13.96 19.14 2.84
N CYS B 212 13.49 17.95 3.23
CA CYS B 212 12.27 17.34 2.67
C CYS B 212 11.00 17.93 3.27
N GLY B 213 11.08 18.46 4.49
CA GLY B 213 9.93 19.06 5.10
C GLY B 213 9.09 18.13 5.92
N VAL B 214 9.41 16.83 5.93
CA VAL B 214 8.66 15.83 6.68
C VAL B 214 9.64 14.80 7.23
N TYR B 215 9.15 13.99 8.17
CA TYR B 215 9.90 12.88 8.78
C TYR B 215 11.28 13.31 9.25
N GLY B 216 11.36 14.48 9.87
CA GLY B 216 12.63 15.01 10.34
C GLY B 216 13.78 14.83 9.35
N THR B 217 13.51 14.85 8.04
CA THR B 217 14.51 14.51 7.05
C THR B 217 15.18 15.78 6.48
N ALA B 218 16.47 15.93 6.72
CA ALA B 218 17.24 17.03 6.14
C ALA B 218 18.69 16.61 6.08
N ASN B 219 19.47 17.36 5.29
CA ASN B 219 20.86 16.96 5.08
C ASN B 219 21.68 18.11 4.55
N ASP B 220 22.97 17.82 4.42
CA ASP B 220 23.99 18.71 3.91
C ASP B 220 25.23 17.89 3.56
N TYR B 221 25.87 18.25 2.45
CA TYR B 221 27.20 17.76 2.20
C TYR B 221 28.06 18.93 1.79
N ALA B 222 29.36 18.74 1.87
CA ALA B 222 30.27 19.86 1.71
C ALA B 222 31.64 19.35 1.35
N VAL B 223 32.39 20.19 0.65
CA VAL B 223 33.84 20.10 0.66
C VAL B 223 34.32 21.24 1.55
N VAL B 224 35.21 20.92 2.50
CA VAL B 224 35.77 21.87 3.47
C VAL B 224 37.28 21.99 3.24
N TRP B 225 37.79 23.21 2.99
CA TRP B 225 39.22 23.46 2.81
C TRP B 225 39.82 24.08 4.08
N PRO B 226 40.44 23.31 4.95
CA PRO B 226 41.18 23.90 6.07
C PRO B 226 42.37 24.68 5.53
N THR B 227 42.53 25.91 5.99
CA THR B 227 43.64 26.74 5.51
C THR B 227 44.90 25.90 5.41
N GLY B 228 45.59 25.99 4.27
CA GLY B 228 46.85 25.30 4.05
C GLY B 228 46.87 23.80 4.30
N ARG B 229 45.73 23.14 4.21
CA ARG B 229 45.63 21.70 4.47
C ARG B 229 44.71 21.09 3.44
N ALA B 230 44.85 19.79 3.24
CA ALA B 230 44.10 19.12 2.21
C ALA B 230 42.61 19.16 2.57
N PRO B 231 41.74 19.29 1.58
CA PRO B 231 40.32 19.38 1.85
C PRO B 231 39.78 18.11 2.50
N ILE B 232 38.60 18.28 3.11
CA ILE B 232 37.80 17.23 3.76
C ILE B 232 36.44 17.22 3.07
N VAL B 233 35.98 16.05 2.66
CA VAL B 233 34.68 15.88 2.03
C VAL B 233 33.82 15.08 3.00
N LEU B 234 32.60 15.58 3.24
CA LEU B 234 31.73 14.95 4.22
C LEU B 234 30.27 15.11 3.84
N ALA B 235 29.47 14.20 4.38
CA ALA B 235 28.01 14.18 4.25
C ALA B 235 27.37 13.97 5.62
N VAL B 236 26.28 14.70 5.90
CA VAL B 236 25.43 14.46 7.05
C VAL B 236 23.97 14.37 6.61
N TYR B 237 23.31 13.26 6.93
CA TYR B 237 21.90 13.08 6.65
C TYR B 237 21.17 12.62 7.92
N THR B 238 19.91 13.07 8.02
CA THR B 238 19.02 12.78 9.13
C THR B 238 17.66 12.34 8.60
N ARG B 239 16.97 11.58 9.45
CA ARG B 239 15.57 11.23 9.25
C ARG B 239 14.93 10.89 10.60
N ALA B 240 13.63 10.80 10.60
CA ALA B 240 12.86 10.57 11.81
C ALA B 240 11.68 9.67 11.49
N PRO B 241 11.15 8.96 12.48
CA PRO B 241 10.14 7.93 12.15
C PRO B 241 8.71 8.45 12.03
N ASN B 242 8.38 9.65 12.54
CA ASN B 242 7.04 10.20 12.43
C ASN B 242 7.01 11.33 11.40
N LYS B 243 5.98 11.32 10.54
CA LYS B 243 5.85 12.33 9.52
C LYS B 243 5.97 13.74 10.08
N ASP B 244 5.51 13.94 11.30
CA ASP B 244 5.44 15.22 11.99
C ASP B 244 6.74 15.60 12.70
N ASP B 245 7.75 14.74 12.67
CA ASP B 245 8.97 15.08 13.39
C ASP B 245 9.70 16.20 12.68
N LYS B 246 10.31 17.06 13.47
CA LYS B 246 10.95 18.25 12.97
C LYS B 246 12.41 17.97 12.67
N HIS B 247 12.88 18.44 11.53
CA HIS B 247 14.30 18.38 11.23
C HIS B 247 15.03 19.33 12.17
N SER B 248 16.35 19.20 12.23
CA SER B 248 17.16 20.04 13.09
C SER B 248 18.43 20.38 12.37
N GLU B 249 18.60 21.68 12.11
CA GLU B 249 19.86 22.19 11.59
C GLU B 249 20.95 22.04 12.63
N ALA B 250 20.62 22.31 13.90
CA ALA B 250 21.57 22.14 15.00
C ALA B 250 22.24 20.76 14.99
N VAL B 251 21.43 19.69 14.88
CA VAL B 251 21.95 18.32 14.91
C VAL B 251 22.89 18.05 13.73
N ILE B 252 22.57 18.58 12.56
CA ILE B 252 23.48 18.46 11.44
C ILE B 252 24.80 19.17 11.77
N ALA B 253 24.74 20.40 12.24
CA ALA B 253 25.93 21.14 12.64
C ALA B 253 26.76 20.37 13.67
N ALA B 254 26.10 19.75 14.65
CA ALA B 254 26.81 19.01 15.70
C ALA B 254 27.48 17.77 15.16
N ALA B 255 26.75 16.94 14.39
CA ALA B 255 27.30 15.73 13.77
C ALA B 255 28.47 16.04 12.85
N ALA B 256 28.42 17.19 12.17
CA ALA B 256 29.53 17.64 11.34
C ALA B 256 30.73 18.00 12.22
N ARG B 257 30.46 18.61 13.36
CA ARG B 257 31.52 18.96 14.26
C ARG B 257 32.18 17.71 14.82
N LEU B 258 31.37 16.72 15.23
CA LEU B 258 31.95 15.47 15.70
C LEU B 258 32.83 14.86 14.63
N ALA B 259 32.34 14.86 13.40
CA ALA B 259 33.11 14.23 12.34
C ALA B 259 34.43 14.96 12.16
N LEU B 260 34.36 16.28 12.03
CA LEU B 260 35.55 17.08 11.77
C LEU B 260 36.55 17.00 12.90
N GLU B 261 36.05 16.87 14.14
CA GLU B 261 36.94 16.83 15.29
C GLU B 261 37.65 15.49 15.42
N GLY B 262 36.91 14.39 15.25
CA GLY B 262 37.48 13.07 15.22
C GLY B 262 38.18 12.67 13.94
N LEU B 263 38.37 13.59 13.01
CA LEU B 263 39.33 13.42 11.93
C LEU B 263 40.67 14.06 12.26
N GLY B 264 40.63 15.30 12.72
N THR C 1 -33.10 6.79 5.12
CA THR C 1 -32.38 7.95 5.64
C THR C 1 -32.65 8.26 7.11
N ASN C 2 -32.02 9.33 7.53
CA ASN C 2 -32.33 10.01 8.77
C ASN C 2 -32.23 11.50 8.48
N LEU C 3 -33.33 12.21 8.70
CA LEU C 3 -33.36 13.65 8.49
C LEU C 3 -32.98 14.42 9.74
N VAL C 4 -32.90 13.74 10.88
CA VAL C 4 -32.29 14.27 12.10
C VAL C 4 -31.20 13.27 12.51
N ALA C 5 -30.03 13.40 11.87
CA ALA C 5 -28.88 12.54 12.14
C ALA C 5 -27.77 13.32 12.82
N GLU C 6 -28.15 14.37 13.54
CA GLU C 6 -27.21 15.33 14.10
C GLU C 6 -26.65 14.84 15.44
N PRO C 7 -27.38 14.03 16.23
CA PRO C 7 -26.76 13.52 17.46
C PRO C 7 -25.66 12.51 17.19
N PHE C 8 -25.68 11.80 16.06
CA PHE C 8 -24.68 10.78 15.80
C PHE C 8 -23.34 11.38 15.38
N ALA C 9 -23.36 12.38 14.50
CA ALA C 9 -22.13 13.02 14.09
C ALA C 9 -21.32 13.45 15.30
N LYS C 10 -21.98 14.00 16.30
CA LYS C 10 -21.31 14.44 17.52
C LYS C 10 -20.76 13.25 18.30
N LEU C 11 -21.60 12.23 18.50
CA LEU C 11 -21.18 11.01 19.18
C LEU C 11 -19.96 10.40 18.52
N GLU C 12 -20.01 10.21 17.20
CA GLU C 12 -18.92 9.59 16.47
C GLU C 12 -17.73 10.54 16.35
N GLN C 13 -17.99 11.84 16.23
CA GLN C 13 -16.94 12.85 16.35
C GLN C 13 -16.19 12.70 17.67
N ASP C 14 -16.92 12.75 18.78
CA ASP C 14 -16.33 12.47 20.10
C ASP C 14 -15.63 11.12 20.16
N PHE C 15 -16.12 10.11 19.43
CA PHE C 15 -15.50 8.79 19.44
C PHE C 15 -14.15 8.79 18.72
N GLY C 16 -14.00 9.59 17.66
CA GLY C 16 -12.83 9.56 16.79
C GLY C 16 -12.96 8.65 15.59
N GLY C 17 -14.16 8.15 15.30
CA GLY C 17 -14.29 7.25 14.20
C GLY C 17 -15.67 7.31 13.61
N SER C 18 -16.05 6.26 12.91
CA SER C 18 -17.35 6.15 12.25
C SER C 18 -18.25 5.20 13.01
N ILE C 19 -19.54 5.53 13.04
CA ILE C 19 -20.56 4.72 13.70
C ILE C 19 -21.67 4.47 12.69
N GLY C 20 -22.03 3.21 12.49
CA GLY C 20 -23.08 2.84 11.58
C GLY C 20 -24.24 2.22 12.34
N VAL C 21 -25.43 2.71 12.07
CA VAL C 21 -26.60 2.28 12.81
C VAL C 21 -27.71 1.97 11.80
N TYR C 22 -28.44 0.90 12.04
CA TYR C 22 -29.70 0.67 11.37
C TYR C 22 -30.66 0.01 12.34
N ALA C 23 -31.95 0.33 12.23
CA ALA C 23 -32.89 -0.17 13.21
C ALA C 23 -34.30 -0.18 12.66
N MET C 24 -35.04 -1.24 12.96
CA MET C 24 -36.41 -1.38 12.54
C MET C 24 -37.26 -1.75 13.76
N ASP C 25 -38.37 -1.04 13.90
CA ASP C 25 -39.50 -1.45 14.70
C ASP C 25 -40.39 -2.33 13.82
N THR C 26 -40.59 -3.60 14.19
CA THR C 26 -41.34 -4.54 13.36
C THR C 26 -42.85 -4.35 13.44
N GLY C 27 -43.32 -3.52 14.35
CA GLY C 27 -44.71 -3.16 14.35
C GLY C 27 -44.93 -1.91 13.54
N SER C 28 -44.31 -0.81 13.91
CA SER C 28 -44.68 0.46 13.30
C SER C 28 -44.20 0.56 11.86
N GLY C 29 -43.15 -0.18 11.48
CA GLY C 29 -42.49 0.01 10.20
C GLY C 29 -41.39 1.04 10.23
N ALA C 30 -41.31 1.83 11.30
CA ALA C 30 -40.34 2.92 11.39
C ALA C 30 -38.91 2.39 11.46
N THR C 31 -38.02 3.07 10.77
CA THR C 31 -36.60 2.76 10.74
C THR C 31 -35.77 3.97 11.14
N VAL C 32 -34.48 3.71 11.29
CA VAL C 32 -33.47 4.70 11.65
C VAL C 32 -32.22 4.28 10.91
N SER C 33 -31.63 5.22 10.18
CA SER C 33 -30.44 4.90 9.43
C SER C 33 -29.39 5.98 9.62
N TYR C 34 -28.19 5.57 9.99
CA TYR C 34 -27.02 6.45 10.04
C TYR C 34 -25.83 5.62 9.56
N ARG C 35 -25.43 5.83 8.31
CA ARG C 35 -24.33 5.05 7.71
C ARG C 35 -24.75 3.59 7.68
N ALA C 36 -26.05 3.36 7.47
CA ALA C 36 -26.63 2.03 7.53
C ALA C 36 -26.24 1.21 6.33
N GLU C 37 -25.75 1.85 5.29
CA GLU C 37 -25.39 1.20 4.06
C GLU C 37 -23.89 0.99 3.89
N GLU C 38 -23.08 1.60 4.77
CA GLU C 38 -21.63 1.50 4.72
C GLU C 38 -21.14 0.15 5.23
N ARG C 39 -20.00 -0.29 4.71
CA ARG C 39 -19.36 -1.53 5.13
C ARG C 39 -18.60 -1.31 6.44
N PHE C 40 -18.84 -2.20 7.40
CA PHE C 40 -18.12 -2.25 8.66
C PHE C 40 -17.63 -3.68 8.86
N PRO C 41 -16.41 -3.90 9.37
CA PRO C 41 -15.97 -5.29 9.57
C PRO C 41 -16.89 -6.01 10.54
N LEU C 42 -17.07 -7.31 10.31
CA LEU C 42 -18.00 -8.10 11.13
C LEU C 42 -17.39 -8.50 12.46
N CYS C 43 -16.08 -8.74 12.49
CA CYS C 43 -15.42 -9.33 13.66
C CYS C 43 -16.30 -10.53 14.08
N SER C 44 -16.46 -10.77 15.39
CA SER C 44 -17.13 -11.96 15.85
C SER C 44 -18.63 -11.98 15.58
N SER C 45 -19.23 -10.89 15.12
CA SER C 45 -20.67 -10.91 14.89
C SER C 45 -21.04 -11.83 13.73
N PHE C 46 -20.05 -12.34 12.98
CA PHE C 46 -20.36 -13.32 11.96
C PHE C 46 -20.86 -14.61 12.59
N LYS C 47 -20.48 -14.85 13.84
CA LYS C 47 -20.75 -16.13 14.49
C LYS C 47 -22.25 -16.38 14.70
N GLY C 48 -23.05 -15.33 14.89
CA GLY C 48 -24.49 -15.51 14.98
C GLY C 48 -25.06 -16.07 13.69
N PHE C 49 -24.74 -15.44 12.54
CA PHE C 49 -25.14 -15.98 11.24
C PHE C 49 -24.52 -17.35 10.95
N LEU C 50 -23.31 -17.60 11.44
CA LEU C 50 -22.78 -18.95 11.38
C LEU C 50 -23.73 -19.93 12.05
N ALA C 51 -24.22 -19.57 13.24
CA ALA C 51 -25.12 -20.42 14.01
C ALA C 51 -26.44 -20.63 13.27
N ALA C 52 -27.02 -19.56 12.71
CA ALA C 52 -28.19 -19.71 11.86
C ALA C 52 -27.92 -20.64 10.68
N ALA C 53 -26.74 -20.52 10.06
CA ALA C 53 -26.40 -21.37 8.93
C ALA C 53 -26.41 -22.84 9.33
N VAL C 54 -25.79 -23.18 10.47
CA VAL C 54 -25.81 -24.54 10.96
C VAL C 54 -27.25 -24.99 11.15
N LEU C 55 -28.06 -24.16 11.82
CA LEU C 55 -29.47 -24.47 12.00
C LEU C 55 -30.16 -24.81 10.69
N ALA C 56 -29.96 -24.00 9.63
CA ALA C 56 -30.65 -24.25 8.37
C ALA C 56 -30.20 -25.57 7.77
N ARG C 57 -28.90 -25.86 7.81
CA ARG C 57 -28.44 -27.13 7.28
C ARG C 57 -29.09 -28.28 8.04
N SER C 58 -29.42 -28.06 9.29
CA SER C 58 -30.01 -29.09 10.13
C SER C 58 -31.45 -29.37 9.76
N GLN C 59 -32.03 -28.52 8.93
CA GLN C 59 -33.29 -28.82 8.28
C GLN C 59 -33.13 -29.85 7.17
N GLN C 60 -31.89 -30.14 6.77
CA GLN C 60 -31.67 -31.04 5.63
C GLN C 60 -30.77 -32.24 5.91
N GLN C 61 -29.92 -32.22 6.94
CA GLN C 61 -29.24 -33.43 7.43
C GLN C 61 -29.60 -33.64 8.90
N ALA C 62 -30.44 -34.63 9.16
CA ALA C 62 -30.89 -34.89 10.52
C ALA C 62 -29.70 -35.24 11.41
N GLY C 63 -29.81 -34.91 12.70
CA GLY C 63 -28.73 -35.19 13.63
C GLY C 63 -27.58 -34.20 13.65
N LEU C 64 -27.54 -33.23 12.74
CA LEU C 64 -26.38 -32.34 12.69
C LEU C 64 -26.03 -31.75 14.05
N LEU C 65 -26.99 -31.12 14.71
CA LEU C 65 -26.69 -30.45 15.96
C LEU C 65 -26.25 -31.43 17.05
N ASP C 66 -26.72 -32.68 17.00
CA ASP C 66 -26.30 -33.68 17.98
C ASP C 66 -24.99 -34.35 17.65
N THR C 67 -24.41 -34.06 16.51
CA THR C 67 -23.16 -34.65 16.07
C THR C 67 -22.01 -34.20 16.97
N PRO C 68 -21.28 -35.11 17.60
CA PRO C 68 -20.12 -34.70 18.41
C PRO C 68 -18.89 -34.43 17.55
N ILE C 69 -18.11 -33.46 17.98
CA ILE C 69 -16.89 -33.08 17.30
C ILE C 69 -15.78 -33.23 18.32
N ARG C 70 -14.87 -34.15 18.06
CA ARG C 70 -13.82 -34.53 19.00
C ARG C 70 -12.53 -33.81 18.64
N TYR C 71 -12.62 -32.50 18.59
CA TYR C 71 -11.49 -31.72 18.13
C TYR C 71 -10.25 -31.95 19.00
N GLY C 72 -9.10 -31.60 18.45
CA GLY C 72 -7.89 -31.63 19.24
C GLY C 72 -7.37 -30.25 19.60
N LYS C 73 -6.45 -30.25 20.57
CA LYS C 73 -5.77 -29.05 21.05
C LYS C 73 -5.44 -28.04 19.96
N ASN C 74 -4.81 -28.46 18.88
CA ASN C 74 -4.40 -27.52 17.85
C ASN C 74 -5.56 -26.67 17.36
N ALA C 75 -6.79 -27.16 17.47
CA ALA C 75 -7.95 -26.35 17.10
C ALA C 75 -8.14 -25.16 18.01
N LEU C 76 -7.45 -25.14 19.15
CA LEU C 76 -7.58 -24.13 20.17
C LEU C 76 -6.76 -22.89 19.80
N VAL C 77 -7.32 -22.12 18.89
CA VAL C 77 -6.93 -20.72 18.67
C VAL C 77 -7.27 -19.89 19.91
N PRO C 78 -6.58 -18.79 20.15
CA PRO C 78 -6.87 -17.97 21.34
C PRO C 78 -8.32 -17.49 21.38
N TRP C 79 -8.75 -17.05 22.56
CA TRP C 79 -10.14 -16.62 22.78
C TRP C 79 -11.15 -17.72 22.42
N SER C 80 -10.87 -18.93 22.92
CA SER C 80 -11.71 -20.12 22.78
C SER C 80 -11.94 -20.74 24.16
N PRO C 81 -12.69 -20.09 25.03
CA PRO C 81 -12.74 -20.54 26.43
C PRO C 81 -13.53 -21.82 26.65
N ILE C 82 -14.64 -21.99 25.95
CA ILE C 82 -15.42 -23.20 26.12
C ILE C 82 -14.75 -24.37 25.40
N SER C 83 -14.46 -24.22 24.11
CA SER C 83 -13.68 -25.22 23.40
C SER C 83 -12.53 -25.77 24.25
N GLU C 84 -11.76 -24.85 24.85
CA GLU C 84 -10.71 -25.23 25.78
C GLU C 84 -11.25 -26.07 26.91
N LYS C 85 -12.37 -25.65 27.51
CA LYS C 85 -12.87 -26.24 28.75
C LYS C 85 -13.36 -27.68 28.57
N TYR C 86 -13.84 -28.02 27.37
CA TYR C 86 -14.37 -29.35 27.09
C TYR C 86 -13.51 -30.13 26.12
N LEU C 87 -12.22 -29.77 26.03
CA LEU C 87 -11.33 -30.45 25.12
C LEU C 87 -11.37 -31.97 25.30
N THR C 88 -11.45 -32.44 26.54
CA THR C 88 -11.48 -33.87 26.82
C THR C 88 -12.76 -34.54 26.32
N THR C 89 -13.94 -33.93 26.48
CA THR C 89 -15.14 -34.53 25.91
C THR C 89 -15.33 -34.21 24.43
N GLY C 90 -14.75 -33.11 23.95
CA GLY C 90 -15.20 -32.49 22.71
C GLY C 90 -16.55 -31.84 22.96
N MET C 91 -17.20 -31.41 21.88
CA MET C 91 -18.54 -30.83 21.97
C MET C 91 -19.35 -31.13 20.71
N THR C 92 -20.66 -31.12 20.84
CA THR C 92 -21.57 -31.32 19.73
C THR C 92 -21.71 -30.03 18.93
N VAL C 93 -22.22 -30.16 17.70
CA VAL C 93 -22.44 -29.02 16.83
C VAL C 93 -23.29 -27.94 17.51
N ALA C 94 -24.35 -28.37 18.19
CA ALA C 94 -25.20 -27.47 19.00
C ALA C 94 -24.41 -26.77 20.10
N GLU C 95 -23.59 -27.52 20.82
CA GLU C 95 -22.81 -26.91 21.87
C GLU C 95 -21.80 -25.92 21.29
N LEU C 96 -21.20 -26.25 20.16
CA LEU C 96 -20.24 -25.32 19.56
C LEU C 96 -20.95 -24.04 19.16
N SER C 97 -22.09 -24.17 18.50
CA SER C 97 -22.84 -23.00 18.05
C SER C 97 -23.16 -22.07 19.21
N ALA C 98 -23.66 -22.63 20.30
CA ALA C 98 -23.97 -21.81 21.44
C ALA C 98 -22.72 -21.18 22.05
N ALA C 99 -21.61 -21.93 22.10
CA ALA C 99 -20.35 -21.35 22.58
C ALA C 99 -19.90 -20.19 21.71
N ALA C 100 -20.05 -20.34 20.39
CA ALA C 100 -19.75 -19.26 19.46
C ALA C 100 -20.74 -18.09 19.58
N VAL C 101 -22.06 -18.34 19.66
CA VAL C 101 -22.96 -17.21 19.84
C VAL C 101 -22.75 -16.52 21.18
N GLN C 102 -22.68 -17.28 22.26
CA GLN C 102 -22.88 -16.71 23.60
C GLN C 102 -21.59 -16.27 24.29
N TYR C 103 -20.42 -16.68 23.76
CA TYR C 103 -19.11 -16.37 24.31
C TYR C 103 -18.12 -16.00 23.23
N SER C 104 -18.53 -15.93 21.96
CA SER C 104 -17.64 -15.62 20.83
C SER C 104 -16.49 -16.61 20.73
N ASP C 105 -16.71 -17.86 21.10
CA ASP C 105 -15.62 -18.82 21.09
C ASP C 105 -15.06 -18.96 19.69
N ASN C 106 -13.77 -18.65 19.53
CA ASN C 106 -13.18 -18.67 18.21
C ASN C 106 -12.99 -20.08 17.69
N ALA C 107 -12.45 -20.97 18.51
CA ALA C 107 -12.23 -22.34 18.06
C ALA C 107 -13.56 -22.96 17.66
N ALA C 108 -14.60 -22.75 18.46
CA ALA C 108 -15.90 -23.27 18.07
C ALA C 108 -16.28 -22.76 16.68
N ALA C 109 -16.08 -21.46 16.42
CA ALA C 109 -16.57 -20.91 15.15
C ALA C 109 -15.83 -21.52 13.98
N ASN C 110 -14.51 -21.68 14.13
CA ASN C 110 -13.73 -22.32 13.08
C ASN C 110 -14.20 -23.74 12.85
N LEU C 111 -14.50 -24.49 13.91
CA LEU C 111 -14.95 -25.85 13.66
C LEU C 111 -16.29 -25.87 12.93
N LEU C 112 -17.18 -24.91 13.28
CA LEU C 112 -18.47 -24.78 12.58
C LEU C 112 -18.29 -24.31 11.15
N LEU C 113 -17.35 -23.38 10.90
CA LEU C 113 -17.08 -23.00 9.51
C LEU C 113 -16.69 -24.20 8.69
N LYS C 114 -15.99 -25.16 9.31
CA LYS C 114 -15.54 -26.35 8.59
C LYS C 114 -16.70 -27.21 8.15
N GLU C 115 -17.71 -27.38 9.03
CA GLU C 115 -18.88 -28.18 8.64
C GLU C 115 -19.62 -27.57 7.45
N LEU C 116 -19.63 -26.25 7.29
CA LEU C 116 -20.39 -25.55 6.24
C LEU C 116 -19.63 -25.37 4.93
N GLY C 117 -18.35 -25.72 4.87
CA GLY C 117 -17.59 -25.40 3.69
C GLY C 117 -16.93 -24.05 3.74
N GLY C 118 -16.67 -23.54 4.93
CA GLY C 118 -15.79 -22.41 5.08
C GLY C 118 -16.51 -21.09 4.97
N PRO C 119 -15.75 -19.97 5.09
CA PRO C 119 -16.33 -18.66 4.83
C PRO C 119 -17.23 -18.60 3.60
N ALA C 120 -16.82 -19.21 2.49
CA ALA C 120 -17.67 -19.13 1.30
C ALA C 120 -19.01 -19.83 1.51
N GLY C 121 -19.05 -20.91 2.29
CA GLY C 121 -20.29 -21.63 2.53
C GLY C 121 -21.27 -20.79 3.30
N LEU C 122 -20.83 -20.22 4.41
CA LEU C 122 -21.65 -19.23 5.11
C LEU C 122 -22.07 -18.10 4.19
N THR C 123 -21.13 -17.55 3.42
CA THR C 123 -21.44 -16.45 2.51
C THR C 123 -22.54 -16.86 1.54
N ALA C 124 -22.42 -18.06 0.98
CA ALA C 124 -23.45 -18.57 0.10
C ALA C 124 -24.76 -18.82 0.84
N PHE C 125 -24.71 -19.26 2.10
CA PHE C 125 -25.94 -19.27 2.91
C PHE C 125 -26.61 -17.91 2.93
N MET C 126 -25.84 -16.85 3.25
CA MET C 126 -26.44 -15.52 3.34
C MET C 126 -26.97 -15.10 1.99
N ARG C 127 -26.25 -15.42 0.92
CA ARG C 127 -26.78 -15.14 -0.40
C ARG C 127 -28.13 -15.80 -0.55
N SER C 128 -28.31 -16.98 0.04
CA SER C 128 -29.51 -17.80 -0.12
C SER C 128 -30.74 -17.25 0.59
N ILE C 129 -30.56 -16.36 1.57
CA ILE C 129 -31.67 -15.67 2.23
C ILE C 129 -31.81 -14.22 1.76
N GLY C 130 -31.11 -13.83 0.70
CA GLY C 130 -31.34 -12.55 0.01
C GLY C 130 -30.34 -11.48 0.33
N ASP C 131 -29.26 -11.82 1.02
CA ASP C 131 -28.33 -10.86 1.56
C ASP C 131 -27.20 -10.83 0.56
N THR C 132 -27.18 -9.75 -0.21
CA THR C 132 -26.18 -9.49 -1.23
C THR C 132 -25.05 -8.61 -0.72
N THR C 133 -25.00 -8.32 0.57
CA THR C 133 -24.01 -7.42 1.17
C THR C 133 -22.96 -8.18 1.98
N PHE C 134 -23.41 -9.03 2.88
CA PHE C 134 -22.53 -9.84 3.72
C PHE C 134 -21.49 -10.63 2.91
N ARG C 135 -20.25 -10.55 3.35
CA ARG C 135 -19.22 -11.47 2.88
C ARG C 135 -18.29 -11.85 4.02
N LEU C 136 -17.89 -13.12 3.99
CA LEU C 136 -16.89 -13.69 4.87
C LEU C 136 -15.91 -14.39 3.97
N ASP C 137 -14.65 -14.06 4.15
CA ASP C 137 -13.55 -14.52 3.32
C ASP C 137 -12.51 -15.31 4.08
N ARG C 138 -12.33 -15.03 5.37
CA ARG C 138 -11.23 -15.59 6.16
C ARG C 138 -11.78 -16.20 7.44
N TRP C 139 -10.89 -16.88 8.18
CA TRP C 139 -11.19 -17.59 9.40
C TRP C 139 -10.74 -16.82 10.60
N GLU C 140 -11.21 -17.24 11.75
CA GLU C 140 -10.63 -16.71 12.98
C GLU C 140 -9.18 -17.19 13.05
N LEU C 141 -8.22 -16.35 13.45
CA LEU C 141 -8.43 -14.95 13.85
C LEU C 141 -8.09 -13.98 12.70
N GLU C 142 -7.79 -14.50 11.50
CA GLU C 142 -7.40 -13.63 10.39
C GLU C 142 -8.38 -12.50 10.18
N LEU C 143 -9.67 -12.82 10.35
CA LEU C 143 -10.77 -12.03 9.86
C LEU C 143 -10.98 -10.76 10.66
N ASN C 144 -10.15 -10.50 11.68
CA ASN C 144 -10.29 -9.35 12.56
C ASN C 144 -9.38 -8.19 12.19
N SER C 145 -8.66 -8.28 11.08
CA SER C 145 -7.64 -7.26 10.79
C SER C 145 -8.25 -5.89 10.59
N ALA C 146 -9.47 -5.84 10.06
CA ALA C 146 -10.28 -4.62 10.01
C ALA C 146 -9.58 -3.48 9.28
N ILE C 147 -8.87 -3.78 8.20
CA ILE C 147 -8.09 -2.70 7.61
C ILE C 147 -9.08 -1.71 6.98
N PRO C 148 -9.03 -0.40 7.38
CA PRO C 148 -10.00 0.55 6.85
C PRO C 148 -10.12 0.41 5.35
N GLY C 149 -11.32 0.17 4.87
CA GLY C 149 -11.59 0.11 3.46
C GLY C 149 -11.61 -1.28 2.88
N ASP C 150 -11.02 -2.26 3.58
CA ASP C 150 -10.99 -3.65 3.12
C ASP C 150 -12.41 -4.17 3.14
N ALA C 151 -12.82 -4.85 2.10
CA ALA C 151 -14.17 -5.42 2.00
C ALA C 151 -14.29 -6.85 2.53
N ARG C 152 -13.18 -7.57 2.67
CA ARG C 152 -13.16 -8.85 3.37
C ARG C 152 -13.87 -8.83 4.72
N ASP C 153 -14.71 -9.83 4.93
CA ASP C 153 -15.32 -10.05 6.23
C ASP C 153 -16.11 -8.82 6.71
N THR C 154 -16.87 -8.23 5.82
CA THR C 154 -17.67 -7.06 6.15
C THR C 154 -19.15 -7.31 5.81
N SER C 155 -20.00 -6.48 6.41
CA SER C 155 -21.34 -6.27 5.89
C SER C 155 -21.73 -4.83 6.24
N SER C 156 -23.00 -4.50 6.08
CA SER C 156 -23.49 -3.18 6.48
C SER C 156 -24.40 -3.27 7.68
N PRO C 157 -24.60 -2.18 8.41
CA PRO C 157 -25.62 -2.23 9.47
C PRO C 157 -26.99 -2.66 8.97
N ARG C 158 -27.47 -2.13 7.83
CA ARG C 158 -28.77 -2.53 7.33
C ARG C 158 -28.81 -4.02 6.94
N ALA C 159 -27.84 -4.50 6.14
CA ALA C 159 -27.84 -5.91 5.75
C ALA C 159 -27.89 -6.81 6.98
N VAL C 160 -27.13 -6.47 8.01
CA VAL C 160 -27.07 -7.32 9.19
C VAL C 160 -28.44 -7.38 9.87
N THR C 161 -29.09 -6.22 10.02
CA THR C 161 -30.40 -6.14 10.66
C THR C 161 -31.44 -6.91 9.87
N GLU C 162 -31.45 -6.72 8.56
CA GLU C 162 -32.43 -7.38 7.70
C GLU C 162 -32.26 -8.90 7.73
N SER C 163 -31.02 -9.37 7.65
CA SER C 163 -30.82 -10.80 7.73
C SER C 163 -31.23 -11.30 9.10
N LEU C 164 -30.84 -10.58 10.16
CA LEU C 164 -31.17 -11.03 11.50
C LEU C 164 -32.68 -11.17 11.63
N GLN C 165 -33.43 -10.24 11.02
CA GLN C 165 -34.88 -10.30 11.16
C GLN C 165 -35.50 -11.43 10.36
N LYS C 166 -34.93 -11.79 9.20
CA LYS C 166 -35.49 -12.92 8.45
C LYS C 166 -35.29 -14.21 9.23
N LEU C 167 -34.16 -14.32 9.92
CA LEU C 167 -33.73 -15.58 10.49
C LEU C 167 -34.41 -15.85 11.82
N THR C 168 -34.57 -14.81 12.63
CA THR C 168 -35.19 -14.86 13.95
C THR C 168 -36.71 -14.65 13.93
N LEU C 169 -37.16 -13.72 13.14
CA LEU C 169 -38.56 -13.31 13.14
C LEU C 169 -39.30 -13.59 11.85
N GLY C 170 -38.64 -13.56 10.71
CA GLY C 170 -39.27 -13.85 9.44
C GLY C 170 -39.47 -15.34 9.28
N SER C 171 -39.22 -15.88 8.08
CA SER C 171 -39.38 -17.31 7.87
C SER C 171 -38.16 -17.93 7.17
N ALA C 172 -36.96 -17.33 7.28
CA ALA C 172 -35.77 -17.91 6.65
C ALA C 172 -35.35 -19.24 7.30
N LEU C 173 -35.67 -19.42 8.58
CA LEU C 173 -35.52 -20.69 9.28
C LEU C 173 -36.88 -21.29 9.58
N ALA C 174 -36.90 -22.62 9.60
CA ALA C 174 -38.06 -23.41 10.03
C ALA C 174 -38.33 -23.17 11.49
N ALA C 175 -39.59 -23.27 11.88
CA ALA C 175 -39.96 -22.74 13.18
C ALA C 175 -39.14 -23.30 14.35
N PRO C 176 -38.82 -24.59 14.45
CA PRO C 176 -37.97 -25.02 15.58
C PRO C 176 -36.59 -24.38 15.54
N GLN C 177 -35.97 -24.41 14.38
CA GLN C 177 -34.66 -23.80 14.18
C GLN C 177 -34.65 -22.33 14.56
N ARG C 178 -35.74 -21.63 14.24
CA ARG C 178 -35.90 -20.19 14.48
C ARG C 178 -35.93 -19.88 15.97
N GLN C 179 -36.64 -20.70 16.74
CA GLN C 179 -36.69 -20.59 18.18
C GLN C 179 -35.34 -20.92 18.81
N GLN C 180 -34.63 -21.90 18.29
CA GLN C 180 -33.32 -22.24 18.84
C GLN C 180 -32.34 -21.10 18.62
N PHE C 181 -32.38 -20.48 17.43
CA PHE C 181 -31.52 -19.32 17.17
C PHE C 181 -31.84 -18.15 18.11
N VAL C 182 -33.13 -17.84 18.34
CA VAL C 182 -33.45 -16.82 19.34
C VAL C 182 -32.97 -17.22 20.74
N ASP C 183 -33.17 -18.49 21.14
CA ASP C 183 -32.70 -18.90 22.46
C ASP C 183 -31.20 -18.68 22.58
N TRP C 184 -30.43 -19.02 21.54
CA TRP C 184 -28.99 -18.77 21.58
C TRP C 184 -28.69 -17.30 21.77
N LEU C 185 -29.35 -16.44 21.00
CA LEU C 185 -29.08 -15.01 21.10
C LEU C 185 -29.52 -14.47 22.45
N LYS C 186 -30.60 -15.00 23.02
CA LYS C 186 -31.06 -14.53 24.30
C LYS C 186 -30.06 -14.86 25.39
N GLY C 187 -29.27 -15.90 25.21
CA GLY C 187 -28.33 -16.30 26.22
C GLY C 187 -26.94 -15.73 26.06
N ASN C 188 -26.73 -14.79 25.15
CA ASN C 188 -25.40 -14.22 24.98
C ASN C 188 -24.87 -13.69 26.31
N THR C 189 -23.57 -13.87 26.55
CA THR C 189 -22.98 -13.38 27.78
C THR C 189 -22.15 -12.13 27.59
N THR C 190 -21.69 -11.88 26.38
CA THR C 190 -20.69 -10.86 26.09
C THR C 190 -21.31 -9.50 25.82
N GLY C 191 -22.62 -9.35 25.91
CA GLY C 191 -23.27 -8.19 25.37
C GLY C 191 -23.68 -7.10 26.33
N ASN C 192 -23.38 -7.25 27.63
CA ASN C 192 -24.06 -6.45 28.65
C ASN C 192 -23.78 -4.97 28.50
N HIS C 193 -22.60 -4.58 28.03
CA HIS C 193 -22.30 -3.15 27.91
C HIS C 193 -22.62 -2.55 26.55
N ARG C 194 -23.30 -3.28 25.66
CA ARG C 194 -23.64 -2.68 24.38
C ARG C 194 -25.15 -2.48 24.25
N ILE C 195 -25.76 -3.02 23.21
CA ILE C 195 -27.17 -2.82 23.03
C ILE C 195 -27.93 -3.01 24.36
N ARG C 196 -27.68 -4.12 25.06
CA ARG C 196 -28.47 -4.41 26.27
C ARG C 196 -28.52 -3.21 27.22
N ALA C 197 -27.35 -2.67 27.57
CA ALA C 197 -27.29 -1.52 28.46
C ALA C 197 -27.97 -0.29 27.88
N ALA C 198 -28.35 -0.32 26.61
CA ALA C 198 -29.27 0.69 26.12
C ALA C 198 -30.71 0.40 26.50
N VAL C 199 -31.00 -0.78 27.04
CA VAL C 199 -32.35 -1.34 27.10
C VAL C 199 -32.90 -1.24 28.52
N PRO C 200 -34.18 -0.91 28.73
CA PRO C 200 -34.78 -1.07 30.06
C PRO C 200 -34.87 -2.54 30.43
N ALA C 201 -34.48 -2.87 31.67
CA ALA C 201 -34.26 -4.26 32.03
C ALA C 201 -35.48 -5.15 31.81
N ASP C 202 -36.68 -4.60 31.82
CA ASP C 202 -37.87 -5.42 31.62
C ASP C 202 -38.04 -5.87 30.17
N TRP C 203 -37.19 -5.40 29.25
CA TRP C 203 -37.25 -5.77 27.85
C TRP C 203 -36.31 -6.96 27.59
N ALA C 204 -36.76 -7.89 26.74
CA ALA C 204 -36.00 -9.10 26.43
C ALA C 204 -35.08 -8.92 25.21
N VAL C 205 -33.86 -9.44 25.29
CA VAL C 205 -32.82 -9.13 24.30
C VAL C 205 -32.02 -10.37 23.94
N GLY C 206 -31.91 -10.64 22.63
CA GLY C 206 -30.91 -11.57 22.13
C GLY C 206 -29.96 -10.90 21.15
N ASP C 207 -28.65 -10.97 21.40
CA ASP C 207 -27.71 -10.16 20.64
C ASP C 207 -26.46 -10.96 20.32
N LYS C 208 -25.62 -10.44 19.43
CA LYS C 208 -24.31 -11.00 19.17
C LYS C 208 -23.32 -9.86 18.96
N THR C 209 -22.18 -9.92 19.65
CA THR C 209 -21.16 -8.87 19.66
C THR C 209 -19.98 -9.20 18.74
N GLY C 210 -19.16 -8.21 18.52
CA GLY C 210 -18.01 -8.36 17.65
C GLY C 210 -16.99 -7.35 18.06
N THR C 211 -15.75 -7.81 18.26
CA THR C 211 -14.65 -7.00 18.79
C THR C 211 -13.37 -7.38 18.03
N CYS C 212 -13.02 -6.59 17.01
CA CYS C 212 -11.84 -6.87 16.18
C CYS C 212 -10.56 -6.61 16.94
N GLY C 213 -10.59 -5.70 17.90
CA GLY C 213 -9.43 -5.41 18.71
C GLY C 213 -8.39 -4.54 18.04
N VAL C 214 -8.75 -3.92 16.92
CA VAL C 214 -7.90 -2.95 16.24
C VAL C 214 -8.82 -1.97 15.55
N TYR C 215 -8.26 -0.83 15.11
CA TYR C 215 -8.97 0.15 14.31
C TYR C 215 -10.31 0.54 14.93
N GLY C 216 -10.36 0.62 16.26
CA GLY C 216 -11.59 0.96 16.91
C GLY C 216 -12.79 0.22 16.38
N THR C 217 -12.64 -1.02 15.97
CA THR C 217 -13.71 -1.74 15.28
C THR C 217 -14.38 -2.73 16.24
N ALA C 218 -15.63 -2.42 16.62
CA ALA C 218 -16.44 -3.33 17.43
C ALA C 218 -17.93 -3.19 17.08
N ASN C 219 -18.78 -4.05 17.63
CA ASN C 219 -20.14 -3.99 17.09
C ASN C 219 -21.12 -4.88 17.89
N ASP C 220 -22.41 -4.65 17.68
CA ASP C 220 -23.44 -5.48 18.31
C ASP C 220 -24.70 -5.42 17.45
N TYR C 221 -25.41 -6.55 17.39
CA TYR C 221 -26.72 -6.58 16.74
C TYR C 221 -27.62 -7.44 17.59
N ALA C 222 -28.89 -7.07 17.60
CA ALA C 222 -29.83 -7.55 18.58
C ALA C 222 -31.22 -7.52 18.00
N VAL C 223 -32.05 -8.42 18.52
CA VAL C 223 -33.49 -8.27 18.56
C VAL C 223 -33.84 -7.76 19.95
N VAL C 224 -34.72 -6.76 20.03
CA VAL C 224 -35.17 -6.22 21.31
C VAL C 224 -36.66 -6.48 21.42
N TRP C 225 -37.09 -7.04 22.55
CA TRP C 225 -38.51 -7.33 22.73
C TRP C 225 -39.10 -6.38 23.75
N PRO C 226 -39.56 -5.20 23.33
CA PRO C 226 -40.33 -4.36 24.22
C PRO C 226 -41.61 -5.08 24.60
N THR C 227 -41.75 -5.38 25.88
CA THR C 227 -43.03 -5.79 26.44
C THR C 227 -44.26 -5.40 25.63
N GLY C 228 -45.25 -6.29 25.60
CA GLY C 228 -46.51 -6.06 24.93
C GLY C 228 -46.43 -5.51 23.52
N ARG C 229 -45.22 -5.33 23.00
CA ARG C 229 -45.00 -4.69 21.72
C ARG C 229 -44.32 -5.67 20.78
N ALA C 230 -44.45 -5.40 19.49
CA ALA C 230 -43.63 -6.11 18.52
C ALA C 230 -42.17 -5.77 18.81
N PRO C 231 -41.24 -6.65 18.43
CA PRO C 231 -39.83 -6.43 18.77
C PRO C 231 -39.21 -5.35 17.90
N ILE C 232 -38.04 -4.88 18.33
CA ILE C 232 -37.17 -4.00 17.54
C ILE C 232 -35.88 -4.77 17.19
N VAL C 233 -35.41 -4.63 15.95
CA VAL C 233 -34.15 -5.22 15.51
C VAL C 233 -33.20 -4.11 15.13
N LEU C 234 -31.95 -4.21 15.56
CA LEU C 234 -31.02 -3.13 15.26
C LEU C 234 -29.59 -3.62 15.23
N ALA C 235 -28.75 -2.84 14.52
CA ALA C 235 -27.33 -3.11 14.33
C ALA C 235 -26.55 -1.84 14.64
N VAL C 236 -25.42 -2.02 15.31
CA VAL C 236 -24.52 -0.93 15.65
C VAL C 236 -23.08 -1.42 15.44
N TYR C 237 -22.37 -0.74 14.55
CA TYR C 237 -21.03 -1.10 14.09
C TYR C 237 -20.14 0.14 14.15
N THR C 238 -18.89 -0.01 14.63
CA THR C 238 -17.96 1.11 14.71
C THR C 238 -16.61 0.69 14.15
N ARG C 239 -15.86 1.72 13.76
CA ARG C 239 -14.51 1.64 13.18
C ARG C 239 -13.83 2.99 13.33
N ALA C 240 -12.51 2.94 13.24
CA ALA C 240 -11.64 4.09 13.47
C ALA C 240 -10.46 4.00 12.53
N PRO C 241 -9.83 5.15 12.22
CA PRO C 241 -8.84 5.17 11.17
C PRO C 241 -7.45 4.73 11.58
N ASN C 242 -7.05 4.78 12.84
CA ASN C 242 -5.75 4.29 13.23
C ASN C 242 -5.84 2.88 13.80
N LYS C 243 -4.83 2.07 13.51
CA LYS C 243 -4.76 0.69 13.98
C LYS C 243 -5.01 0.61 15.48
N ASP C 244 -4.50 1.61 16.22
CA ASP C 244 -4.42 1.68 17.66
C ASP C 244 -5.64 2.34 18.28
N ASP C 245 -6.53 2.90 17.47
CA ASP C 245 -7.76 3.46 18.02
C ASP C 245 -8.51 2.33 18.71
N LYS C 246 -8.93 2.58 19.92
CA LYS C 246 -9.60 1.57 20.73
C LYS C 246 -11.10 1.69 20.56
N HIS C 247 -11.76 0.53 20.49
CA HIS C 247 -13.20 0.50 20.42
C HIS C 247 -13.77 1.05 21.71
N SER C 248 -15.07 1.27 21.74
CA SER C 248 -15.75 1.68 22.96
C SER C 248 -17.09 0.96 23.03
N GLU C 249 -17.31 0.23 24.11
CA GLU C 249 -18.64 -0.29 24.42
C GLU C 249 -19.62 0.84 24.70
N ALA C 250 -19.19 1.86 25.43
CA ALA C 250 -20.05 3.00 25.75
C ALA C 250 -20.60 3.67 24.50
N VAL C 251 -19.78 3.79 23.44
CA VAL C 251 -20.23 4.41 22.20
C VAL C 251 -21.36 3.61 21.57
N ILE C 252 -21.16 2.30 21.49
CA ILE C 252 -22.17 1.42 20.91
C ILE C 252 -23.49 1.52 21.67
N ALA C 253 -23.42 1.44 22.99
CA ALA C 253 -24.63 1.59 23.78
C ALA C 253 -25.27 2.95 23.51
N ALA C 254 -24.49 4.01 23.47
CA ALA C 254 -25.04 5.32 23.13
C ALA C 254 -25.71 5.30 21.76
N ALA C 255 -25.00 4.80 20.74
CA ALA C 255 -25.54 4.83 19.39
C ALA C 255 -26.80 4.01 19.32
N ALA C 256 -26.90 2.98 20.17
CA ALA C 256 -28.13 2.22 20.29
C ALA C 256 -29.24 3.07 20.89
N ARG C 257 -28.93 3.80 21.97
CA ARG C 257 -29.94 4.67 22.55
C ARG C 257 -30.46 5.66 21.52
N LEU C 258 -29.55 6.42 20.91
CA LEU C 258 -29.99 7.33 19.85
C LEU C 258 -30.81 6.64 18.77
N ALA C 259 -30.50 5.37 18.47
CA ALA C 259 -31.24 4.57 17.51
C ALA C 259 -32.67 4.29 17.99
N LEU C 260 -32.82 3.68 19.15
CA LEU C 260 -34.15 3.41 19.70
C LEU C 260 -34.95 4.71 19.91
N GLU C 261 -34.28 5.77 20.37
CA GLU C 261 -34.96 7.02 20.72
C GLU C 261 -35.40 7.83 19.49
N GLY C 262 -35.00 7.46 18.28
CA GLY C 262 -35.54 7.96 17.04
C GLY C 262 -36.49 7.02 16.34
N LEU C 263 -36.75 5.86 16.95
CA LEU C 263 -37.90 5.01 16.62
C LEU C 263 -39.09 5.52 17.42
N GLY C 264 -38.84 5.90 18.68
N ALA D 5 -3.97 2.39 3.16
CA ALA D 5 -5.28 2.35 3.78
C ALA D 5 -5.46 3.46 4.84
N GLU D 6 -4.51 3.56 5.75
CA GLU D 6 -4.57 4.54 6.83
C GLU D 6 -4.75 5.95 6.30
N PRO D 7 -3.97 6.40 5.33
CA PRO D 7 -4.13 7.77 4.83
C PRO D 7 -5.51 8.03 4.25
N PHE D 8 -6.03 7.09 3.46
CA PHE D 8 -7.39 7.23 2.98
C PHE D 8 -8.39 7.22 4.14
N ALA D 9 -8.17 6.37 5.13
CA ALA D 9 -9.04 6.36 6.32
C ALA D 9 -9.09 7.71 7.03
N LYS D 10 -7.92 8.34 7.25
CA LYS D 10 -7.86 9.60 7.99
C LYS D 10 -8.56 10.70 7.23
N LEU D 11 -8.39 10.74 5.92
CA LEU D 11 -9.17 11.62 5.09
C LEU D 11 -10.66 11.40 5.31
N GLU D 12 -11.07 10.14 5.20
CA GLU D 12 -12.47 9.80 5.34
C GLU D 12 -13.04 10.40 6.61
N GLN D 13 -12.25 10.38 7.68
CA GLN D 13 -12.74 10.83 8.96
C GLN D 13 -12.81 12.36 9.02
N ASP D 14 -11.82 13.04 8.50
CA ASP D 14 -11.91 14.48 8.36
C ASP D 14 -13.08 14.91 7.47
N PHE D 15 -13.34 14.20 6.35
CA PHE D 15 -14.43 14.58 5.45
C PHE D 15 -15.79 14.30 6.09
N GLY D 16 -15.93 13.21 6.87
CA GLY D 16 -17.22 12.78 7.40
C GLY D 16 -17.99 11.84 6.49
N GLY D 17 -17.40 11.42 5.38
CA GLY D 17 -18.07 10.58 4.41
C GLY D 17 -17.14 9.46 3.94
N SER D 18 -17.67 8.66 3.03
CA SER D 18 -16.91 7.57 2.48
C SER D 18 -16.25 7.99 1.18
N ILE D 19 -15.09 7.41 0.93
CA ILE D 19 -14.24 7.70 -0.23
C ILE D 19 -13.86 6.38 -0.87
N GLY D 20 -14.11 6.27 -2.17
CA GLY D 20 -13.67 5.16 -3.00
C GLY D 20 -12.69 5.62 -4.07
N VAL D 21 -11.60 4.89 -4.22
CA VAL D 21 -10.47 5.26 -5.07
C VAL D 21 -9.96 4.00 -5.76
N TYR D 22 -9.62 4.14 -7.02
CA TYR D 22 -8.90 3.06 -7.70
C TYR D 22 -8.04 3.65 -8.78
N ALA D 23 -6.74 3.35 -8.74
CA ALA D 23 -5.77 3.90 -9.66
C ALA D 23 -4.83 2.83 -10.19
N MET D 24 -4.60 2.84 -11.51
CA MET D 24 -3.74 1.90 -12.19
C MET D 24 -2.67 2.64 -12.96
N ASP D 25 -1.41 2.31 -12.67
CA ASP D 25 -0.24 2.77 -13.40
C ASP D 25 -0.02 1.85 -14.59
N THR D 26 -0.45 2.28 -15.78
CA THR D 26 -0.44 1.36 -16.92
C THR D 26 0.97 0.95 -17.33
N GLY D 27 2.00 1.54 -16.74
CA GLY D 27 3.37 1.21 -17.06
C GLY D 27 3.92 0.08 -16.23
N SER D 28 3.47 0.00 -14.98
CA SER D 28 3.91 -1.01 -14.02
C SER D 28 2.84 -2.03 -13.67
N GLY D 29 1.57 -1.69 -13.85
CA GLY D 29 0.49 -2.53 -13.40
C GLY D 29 0.15 -2.38 -11.93
N ALA D 30 0.87 -1.55 -11.18
CA ALA D 30 0.55 -1.31 -9.79
C ALA D 30 -0.82 -0.67 -9.65
N THR D 31 -1.53 -1.02 -8.60
CA THR D 31 -2.84 -0.45 -8.37
C THR D 31 -2.89 0.17 -7.00
N VAL D 32 -3.89 1.04 -6.84
CA VAL D 32 -4.28 1.60 -5.55
C VAL D 32 -5.80 1.44 -5.44
N SER D 33 -6.23 0.88 -4.34
CA SER D 33 -7.57 0.34 -4.25
C SER D 33 -8.02 0.54 -2.81
N TYR D 34 -9.01 1.41 -2.64
CA TYR D 34 -9.60 1.67 -1.36
C TYR D 34 -11.10 1.74 -1.62
N ARG D 35 -11.84 0.79 -1.03
CA ARG D 35 -13.26 0.66 -1.28
C ARG D 35 -13.56 0.55 -2.77
N ALA D 36 -12.58 0.14 -3.55
CA ALA D 36 -12.68 0.21 -5.00
C ALA D 36 -13.87 -0.58 -5.51
N GLU D 37 -14.32 -1.59 -4.78
CA GLU D 37 -15.47 -2.39 -5.21
C GLU D 37 -16.80 -1.89 -4.70
N GLU D 38 -16.84 -0.88 -3.83
CA GLU D 38 -18.10 -0.41 -3.27
C GLU D 38 -18.84 0.45 -4.31
N ARG D 39 -20.16 0.60 -4.14
CA ARG D 39 -20.94 1.41 -5.07
C ARG D 39 -21.00 2.89 -4.68
N PHE D 40 -20.91 3.76 -5.68
CA PHE D 40 -20.99 5.19 -5.50
C PHE D 40 -21.83 5.84 -6.60
N PRO D 41 -22.69 6.81 -6.26
CA PRO D 41 -23.45 7.51 -7.31
C PRO D 41 -22.55 8.12 -8.37
N LEU D 42 -22.86 7.82 -9.63
CA LEU D 42 -22.17 8.38 -10.78
C LEU D 42 -22.25 9.90 -10.84
N CYS D 43 -23.41 10.47 -10.52
CA CYS D 43 -23.74 11.85 -10.82
C CYS D 43 -23.25 12.14 -12.23
N SER D 44 -22.81 13.36 -12.48
CA SER D 44 -22.52 13.77 -13.85
C SER D 44 -21.45 12.93 -14.51
N SER D 45 -20.68 12.19 -13.73
CA SER D 45 -19.57 11.43 -14.31
C SER D 45 -20.03 10.49 -15.40
N PHE D 46 -21.32 10.21 -15.51
CA PHE D 46 -21.78 9.31 -16.55
C PHE D 46 -21.68 9.92 -17.93
N LYS D 47 -21.63 11.25 -17.99
CA LYS D 47 -21.54 11.97 -19.24
C LYS D 47 -20.24 11.72 -19.94
N GLY D 48 -19.22 11.23 -19.24
CA GLY D 48 -18.01 10.81 -19.93
C GLY D 48 -18.21 9.55 -20.74
N PHE D 49 -18.90 8.57 -20.17
CA PHE D 49 -19.06 7.31 -20.89
C PHE D 49 -20.11 7.44 -21.96
N LEU D 50 -21.06 8.35 -21.77
CA LEU D 50 -22.04 8.69 -22.79
C LEU D 50 -21.37 9.12 -24.09
N ALA D 51 -20.60 10.21 -24.06
CA ALA D 51 -19.85 10.68 -25.21
C ALA D 51 -19.16 9.52 -25.90
N ALA D 52 -18.73 8.55 -25.10
CA ALA D 52 -17.93 7.46 -25.60
C ALA D 52 -18.81 6.43 -26.29
N ALA D 53 -20.02 6.21 -25.77
CA ALA D 53 -20.99 5.36 -26.44
C ALA D 53 -21.50 5.99 -27.73
N VAL D 54 -21.65 7.31 -27.73
CA VAL D 54 -21.92 8.01 -28.99
C VAL D 54 -20.82 7.69 -29.97
N LEU D 55 -19.59 8.00 -29.57
CA LEU D 55 -18.43 7.72 -30.40
C LEU D 55 -18.43 6.27 -30.89
N ALA D 56 -18.84 5.33 -30.06
CA ALA D 56 -18.91 3.96 -30.52
C ALA D 56 -20.02 3.82 -31.56
N ARG D 57 -21.13 4.54 -31.37
CA ARG D 57 -22.20 4.43 -32.36
C ARG D 57 -21.78 5.07 -33.67
N SER D 58 -21.07 6.18 -33.60
CA SER D 58 -20.58 6.80 -34.82
C SER D 58 -19.82 5.79 -35.67
N GLN D 59 -19.16 4.82 -35.03
CA GLN D 59 -18.41 3.83 -35.79
C GLN D 59 -19.31 3.02 -36.69
N GLN D 60 -20.55 2.76 -36.26
CA GLN D 60 -21.47 1.98 -37.09
C GLN D 60 -22.28 2.85 -38.05
N GLN D 61 -22.34 4.16 -37.87
CA GLN D 61 -23.06 5.03 -38.79
C GLN D 61 -22.30 6.33 -38.99
N ALA D 62 -21.70 6.46 -40.17
CA ALA D 62 -21.04 7.71 -40.53
C ALA D 62 -22.05 8.85 -40.58
N GLY D 63 -21.63 10.03 -40.15
CA GLY D 63 -22.53 11.16 -40.12
C GLY D 63 -23.33 11.34 -38.84
N LEU D 64 -23.17 10.45 -37.86
CA LEU D 64 -23.88 10.65 -36.59
C LEU D 64 -23.31 11.84 -35.82
N LEU D 65 -21.99 12.01 -35.82
CA LEU D 65 -21.33 13.02 -35.02
C LEU D 65 -21.59 14.43 -35.54
N ASP D 66 -21.92 14.55 -36.82
CA ASP D 66 -22.22 15.82 -37.44
C ASP D 66 -23.70 16.14 -37.50
N THR D 67 -24.56 15.15 -37.20
CA THR D 67 -26.01 15.29 -37.32
C THR D 67 -26.52 16.45 -36.47
N PRO D 68 -27.25 17.42 -37.04
CA PRO D 68 -27.85 18.49 -36.23
C PRO D 68 -28.99 18.00 -35.37
N ILE D 69 -29.00 18.46 -34.12
CA ILE D 69 -30.04 18.14 -33.15
C ILE D 69 -30.75 19.43 -32.80
N ARG D 70 -32.01 19.49 -33.17
CA ARG D 70 -32.86 20.64 -32.88
C ARG D 70 -33.61 20.33 -31.60
N TYR D 71 -33.70 21.32 -30.72
CA TYR D 71 -34.36 21.13 -29.45
C TYR D 71 -35.00 22.43 -29.04
N GLY D 72 -35.98 22.32 -28.15
CA GLY D 72 -36.78 23.42 -27.69
C GLY D 72 -36.44 23.71 -26.24
N LYS D 73 -36.91 24.86 -25.77
CA LYS D 73 -36.64 25.28 -24.40
C LYS D 73 -37.13 24.25 -23.37
N ASN D 74 -38.10 23.41 -23.70
CA ASN D 74 -38.55 22.40 -22.75
C ASN D 74 -37.49 21.34 -22.47
N ALA D 75 -36.38 21.33 -23.20
CA ALA D 75 -35.27 20.44 -22.94
C ALA D 75 -34.28 21.02 -21.96
N LEU D 76 -34.40 22.30 -21.63
CA LEU D 76 -33.34 23.00 -20.91
C LEU D 76 -33.59 22.85 -19.41
N VAL D 77 -33.05 21.78 -18.84
CA VAL D 77 -33.07 21.62 -17.39
C VAL D 77 -31.94 22.48 -16.83
N PRO D 78 -31.97 22.83 -15.56
CA PRO D 78 -30.93 23.69 -15.00
C PRO D 78 -29.56 23.10 -15.22
N TRP D 79 -28.57 23.96 -15.10
CA TRP D 79 -27.17 23.61 -15.35
C TRP D 79 -26.97 23.07 -16.76
N SER D 80 -27.44 23.85 -17.73
CA SER D 80 -27.24 23.55 -19.14
C SER D 80 -26.72 24.82 -19.81
N PRO D 81 -25.56 25.32 -19.42
CA PRO D 81 -25.06 26.55 -20.04
C PRO D 81 -24.96 26.49 -21.56
N ILE D 82 -24.21 25.51 -22.08
CA ILE D 82 -23.92 25.48 -23.51
C ILE D 82 -25.22 25.37 -24.29
N SER D 83 -26.14 24.54 -23.81
CA SER D 83 -27.39 24.35 -24.53
C SER D 83 -28.26 25.59 -24.51
N GLU D 84 -28.41 26.24 -23.36
CA GLU D 84 -29.13 27.50 -23.30
C GLU D 84 -28.54 28.46 -24.30
N LYS D 85 -27.25 28.33 -24.57
CA LYS D 85 -26.53 29.27 -25.42
C LYS D 85 -26.83 29.05 -26.90
N TYR D 86 -26.97 27.79 -27.31
CA TYR D 86 -27.13 27.44 -28.72
C TYR D 86 -28.55 26.98 -29.03
N LEU D 87 -29.53 27.50 -28.28
CA LEU D 87 -30.94 27.15 -28.49
C LEU D 87 -31.41 27.57 -29.88
N THR D 88 -31.09 28.80 -30.30
CA THR D 88 -31.52 29.22 -31.63
C THR D 88 -30.85 28.44 -32.75
N THR D 89 -29.73 27.77 -32.48
CA THR D 89 -29.03 27.13 -33.58
C THR D 89 -29.18 25.62 -33.58
N GLY D 90 -29.56 25.01 -32.45
CA GLY D 90 -29.37 23.60 -32.27
C GLY D 90 -27.92 23.30 -31.99
N MET D 91 -27.61 22.03 -31.84
CA MET D 91 -26.24 21.59 -31.68
C MET D 91 -26.09 20.26 -32.38
N THR D 92 -24.95 20.06 -33.04
CA THR D 92 -24.62 18.73 -33.52
C THR D 92 -24.45 17.75 -32.35
N VAL D 93 -24.41 16.47 -32.69
CA VAL D 93 -24.19 15.43 -31.70
C VAL D 93 -22.80 15.55 -31.11
N ALA D 94 -21.79 15.71 -31.96
CA ALA D 94 -20.44 15.94 -31.44
C ALA D 94 -20.38 17.15 -30.53
N GLU D 95 -21.23 18.15 -30.75
CA GLU D 95 -21.22 19.36 -29.93
C GLU D 95 -21.90 19.14 -28.60
N LEU D 96 -23.02 18.43 -28.62
CA LEU D 96 -23.63 17.99 -27.38
C LEU D 96 -22.69 17.09 -26.62
N SER D 97 -21.84 16.35 -27.33
CA SER D 97 -20.96 15.43 -26.63
C SER D 97 -19.82 16.18 -25.98
N ALA D 98 -19.30 17.19 -26.65
CA ALA D 98 -18.33 18.06 -26.01
C ALA D 98 -18.95 18.75 -24.80
N ALA D 99 -20.15 19.32 -24.98
CA ALA D 99 -20.80 20.07 -23.91
C ALA D 99 -20.99 19.21 -22.68
N ALA D 100 -21.62 18.05 -22.87
CA ALA D 100 -21.87 17.13 -21.78
C ALA D 100 -20.59 16.78 -21.02
N VAL D 101 -19.49 16.50 -21.74
CA VAL D 101 -18.23 16.23 -21.05
C VAL D 101 -17.62 17.51 -20.49
N GLN D 102 -17.45 18.51 -21.34
CA GLN D 102 -16.55 19.59 -21.00
C GLN D 102 -17.19 20.67 -20.14
N TYR D 103 -18.53 20.75 -20.11
CA TYR D 103 -19.22 21.59 -19.14
C TYR D 103 -20.23 20.84 -18.30
N SER D 104 -20.32 19.52 -18.38
CA SER D 104 -21.33 18.79 -17.62
C SER D 104 -22.74 19.30 -17.93
N ASP D 105 -22.94 19.82 -19.15
CA ASP D 105 -24.22 20.32 -19.64
C ASP D 105 -25.30 19.23 -19.54
N ASN D 106 -26.29 19.42 -18.64
CA ASN D 106 -27.30 18.38 -18.40
C ASN D 106 -28.20 18.19 -19.61
N ALA D 107 -28.72 19.29 -20.16
CA ALA D 107 -29.63 19.20 -21.31
C ALA D 107 -28.96 18.46 -22.46
N ALA D 108 -27.67 18.69 -22.70
CA ALA D 108 -26.98 17.96 -23.75
C ALA D 108 -26.98 16.48 -23.44
N ALA D 109 -26.83 16.14 -22.16
CA ALA D 109 -26.76 14.75 -21.77
C ALA D 109 -28.10 14.07 -21.98
N ASN D 110 -29.17 14.72 -21.56
CA ASN D 110 -30.49 14.16 -21.81
C ASN D 110 -30.78 14.04 -23.30
N LEU D 111 -30.20 14.91 -24.13
CA LEU D 111 -30.42 14.79 -25.57
C LEU D 111 -29.62 13.63 -26.16
N LEU D 112 -28.42 13.37 -25.64
CA LEU D 112 -27.65 12.26 -26.17
C LEU D 112 -28.14 10.94 -25.65
N LEU D 113 -28.64 10.89 -24.41
CA LEU D 113 -29.26 9.66 -23.91
C LEU D 113 -30.45 9.29 -24.76
N LYS D 114 -31.15 10.28 -25.29
CA LYS D 114 -32.25 9.99 -26.18
C LYS D 114 -31.76 9.33 -27.46
N GLU D 115 -30.58 9.71 -27.95
CA GLU D 115 -30.09 9.09 -29.18
C GLU D 115 -29.64 7.66 -28.98
N LEU D 116 -29.28 7.27 -27.75
CA LEU D 116 -28.66 5.98 -27.48
C LEU D 116 -29.60 4.99 -26.78
N GLY D 117 -30.88 5.32 -26.58
CA GLY D 117 -31.77 4.40 -25.90
C GLY D 117 -31.98 4.65 -24.42
N GLY D 118 -31.89 5.88 -23.98
CA GLY D 118 -32.14 6.21 -22.60
C GLY D 118 -31.06 5.60 -21.74
N PRO D 119 -31.17 5.74 -20.42
CA PRO D 119 -30.14 5.16 -19.54
C PRO D 119 -29.81 3.70 -19.83
N ALA D 120 -30.83 2.85 -19.98
CA ALA D 120 -30.61 1.46 -20.34
C ALA D 120 -29.85 1.32 -21.64
N GLY D 121 -30.05 2.26 -22.57
CA GLY D 121 -29.21 2.34 -23.75
C GLY D 121 -27.73 2.45 -23.42
N LEU D 122 -27.36 3.41 -22.55
CA LEU D 122 -25.95 3.55 -22.15
C LEU D 122 -25.51 2.35 -21.32
N THR D 123 -26.30 1.97 -20.32
CA THR D 123 -26.01 0.77 -19.55
C THR D 123 -25.79 -0.43 -20.45
N ALA D 124 -26.40 -0.42 -21.63
CA ALA D 124 -26.11 -1.48 -22.60
C ALA D 124 -24.69 -1.37 -23.09
N PHE D 125 -24.25 -0.17 -23.41
CA PHE D 125 -22.94 0.00 -24.04
C PHE D 125 -21.81 -0.39 -23.10
N MET D 126 -21.95 -0.06 -21.82
CA MET D 126 -20.92 -0.38 -20.83
C MET D 126 -20.77 -1.89 -20.62
N ARG D 127 -21.85 -2.64 -20.72
CA ARG D 127 -21.77 -4.11 -20.66
C ARG D 127 -21.02 -4.64 -21.87
N SER D 128 -21.36 -4.15 -23.06
CA SER D 128 -20.68 -4.57 -24.28
C SER D 128 -19.18 -4.28 -24.27
N ILE D 129 -18.66 -3.51 -23.30
CA ILE D 129 -17.22 -3.36 -23.19
C ILE D 129 -16.65 -4.23 -22.08
N GLY D 130 -17.49 -4.93 -21.34
CA GLY D 130 -17.04 -5.72 -20.21
C GLY D 130 -17.35 -5.14 -18.85
N ASP D 131 -17.91 -3.94 -18.79
CA ASP D 131 -18.27 -3.37 -17.51
C ASP D 131 -19.58 -3.97 -17.06
N THR D 132 -19.52 -4.82 -16.03
CA THR D 132 -20.69 -5.49 -15.49
C THR D 132 -21.26 -4.80 -14.27
N THR D 133 -20.60 -3.73 -13.79
CA THR D 133 -20.97 -3.00 -12.58
C THR D 133 -21.81 -1.76 -12.87
N PHE D 134 -21.43 -0.99 -13.88
CA PHE D 134 -22.08 0.28 -14.22
C PHE D 134 -23.57 0.13 -14.40
N ARG D 135 -24.34 1.03 -13.78
CA ARG D 135 -25.73 1.14 -14.16
C ARG D 135 -26.19 2.59 -14.16
N LEU D 136 -26.87 2.98 -15.24
CA LEU D 136 -27.57 4.24 -15.28
C LEU D 136 -29.04 3.96 -15.47
N ASP D 137 -29.85 4.49 -14.58
CA ASP D 137 -31.27 4.21 -14.52
C ASP D 137 -32.15 5.40 -14.83
N ARG D 138 -31.72 6.62 -14.53
CA ARG D 138 -32.59 7.77 -14.67
C ARG D 138 -31.89 8.81 -15.54
N TRP D 139 -32.57 9.93 -15.78
CA TRP D 139 -32.00 11.02 -16.54
C TRP D 139 -31.52 12.11 -15.60
N GLU D 140 -31.01 13.18 -16.17
CA GLU D 140 -30.84 14.41 -15.41
C GLU D 140 -32.23 15.05 -15.29
N LEU D 141 -32.58 15.63 -14.14
CA LEU D 141 -31.76 15.67 -12.93
C LEU D 141 -32.16 14.63 -11.88
N GLU D 142 -32.98 13.61 -12.22
CA GLU D 142 -33.43 12.68 -11.19
C GLU D 142 -32.31 11.80 -10.67
N LEU D 143 -31.35 11.46 -11.54
CA LEU D 143 -30.26 10.57 -11.22
C LEU D 143 -29.30 11.13 -10.19
N ASN D 144 -29.48 12.34 -9.69
CA ASN D 144 -28.58 12.90 -8.68
C ASN D 144 -29.08 12.67 -7.25
N SER D 145 -30.15 11.90 -7.04
CA SER D 145 -30.68 11.74 -5.67
C SER D 145 -29.62 11.17 -4.74
N ALA D 146 -28.81 10.23 -5.22
CA ALA D 146 -27.64 9.71 -4.49
C ALA D 146 -28.02 9.27 -3.06
N ILE D 147 -29.11 8.51 -2.96
CA ILE D 147 -29.65 8.16 -1.65
C ILE D 147 -28.83 6.99 -1.13
N PRO D 148 -28.41 6.99 0.14
CA PRO D 148 -27.61 5.86 0.66
C PRO D 148 -28.23 4.49 0.44
N GLY D 149 -27.44 3.57 -0.10
CA GLY D 149 -27.86 2.22 -0.34
C GLY D 149 -28.54 1.97 -1.66
N ASP D 150 -28.90 3.02 -2.40
CA ASP D 150 -29.57 2.87 -3.68
C ASP D 150 -28.58 2.52 -4.75
N ALA D 151 -28.87 1.45 -5.49
CA ALA D 151 -28.01 1.00 -6.56
C ALA D 151 -28.17 1.81 -7.85
N ARG D 152 -29.31 2.45 -8.08
CA ARG D 152 -29.57 3.19 -9.30
C ARG D 152 -28.44 4.15 -9.63
N ASP D 153 -28.03 4.19 -10.87
CA ASP D 153 -27.15 5.25 -11.32
C ASP D 153 -25.83 5.23 -10.54
N THR D 154 -25.24 4.04 -10.44
CA THR D 154 -24.01 3.86 -9.67
C THR D 154 -23.06 2.99 -10.47
N SER D 155 -21.79 3.11 -10.12
CA SER D 155 -20.79 2.12 -10.49
C SER D 155 -19.79 2.04 -9.35
N SER D 156 -18.67 1.39 -9.62
CA SER D 156 -17.60 1.27 -8.63
C SER D 156 -16.36 2.03 -9.13
N PRO D 157 -15.56 2.61 -8.23
CA PRO D 157 -14.28 3.19 -8.68
C PRO D 157 -13.45 2.29 -9.57
N ARG D 158 -13.24 1.02 -9.17
CA ARG D 158 -12.57 0.08 -10.07
C ARG D 158 -13.23 0.05 -11.45
N ALA D 159 -14.55 -0.18 -11.51
CA ALA D 159 -15.18 -0.37 -12.80
C ALA D 159 -15.05 0.87 -13.66
N VAL D 160 -15.27 2.04 -13.07
CA VAL D 160 -15.04 3.29 -13.80
C VAL D 160 -13.64 3.31 -14.38
N THR D 161 -12.66 3.01 -13.54
CA THR D 161 -11.28 3.01 -13.98
C THR D 161 -11.05 2.00 -15.09
N GLU D 162 -11.46 0.74 -14.89
CA GLU D 162 -11.24 -0.25 -15.94
C GLU D 162 -11.91 0.13 -17.23
N SER D 163 -13.06 0.81 -17.18
CA SER D 163 -13.79 1.15 -18.39
C SER D 163 -13.22 2.39 -19.07
N LEU D 164 -12.76 3.38 -18.28
CA LEU D 164 -12.11 4.54 -18.87
C LEU D 164 -10.80 4.16 -19.54
N GLN D 165 -10.11 3.17 -18.99
CA GLN D 165 -8.85 2.71 -19.57
C GLN D 165 -9.09 1.99 -20.89
N LYS D 166 -10.12 1.15 -20.96
CA LYS D 166 -10.51 0.54 -22.23
C LYS D 166 -10.78 1.59 -23.30
N LEU D 167 -11.35 2.73 -22.92
CA LEU D 167 -11.85 3.65 -23.94
C LEU D 167 -10.78 4.64 -24.39
N THR D 168 -9.95 5.11 -23.46
CA THR D 168 -8.91 6.09 -23.74
C THR D 168 -7.62 5.45 -24.22
N LEU D 169 -7.34 4.22 -23.80
CA LEU D 169 -6.05 3.62 -24.09
C LEU D 169 -6.12 2.20 -24.65
N GLY D 170 -7.26 1.53 -24.60
CA GLY D 170 -7.39 0.15 -25.03
C GLY D 170 -7.92 -0.02 -26.44
N SER D 171 -8.57 -1.15 -26.68
CA SER D 171 -9.14 -1.49 -27.97
C SER D 171 -10.63 -1.17 -28.10
N ALA D 172 -11.27 -0.61 -27.07
CA ALA D 172 -12.73 -0.50 -27.08
C ALA D 172 -13.23 0.42 -28.18
N LEU D 173 -12.51 1.50 -28.45
CA LEU D 173 -12.85 2.41 -29.55
C LEU D 173 -11.83 2.31 -30.67
N ALA D 174 -12.28 2.64 -31.88
CA ALA D 174 -11.35 2.82 -32.97
C ALA D 174 -10.44 3.99 -32.66
N ALA D 175 -9.21 3.92 -33.17
CA ALA D 175 -8.20 4.94 -32.85
C ALA D 175 -8.68 6.35 -33.11
N PRO D 176 -9.45 6.65 -34.15
CA PRO D 176 -9.88 8.06 -34.33
C PRO D 176 -10.89 8.49 -33.29
N GLN D 177 -11.91 7.67 -33.01
CA GLN D 177 -12.79 7.97 -31.89
C GLN D 177 -12.06 7.99 -30.57
N ARG D 178 -11.03 7.16 -30.41
CA ARG D 178 -10.31 7.12 -29.14
C ARG D 178 -9.62 8.45 -28.88
N GLN D 179 -8.95 9.01 -29.89
CA GLN D 179 -8.28 10.28 -29.69
C GLN D 179 -9.29 11.36 -29.38
N GLN D 180 -10.41 11.37 -30.10
CA GLN D 180 -11.44 12.38 -29.86
C GLN D 180 -11.93 12.33 -28.42
N PHE D 181 -12.34 11.14 -27.95
CA PHE D 181 -12.72 10.98 -26.55
C PHE D 181 -11.66 11.61 -25.66
N VAL D 182 -10.40 11.27 -25.91
CA VAL D 182 -9.33 11.78 -25.08
C VAL D 182 -9.26 13.29 -25.17
N ASP D 183 -9.55 13.85 -26.34
CA ASP D 183 -9.49 15.30 -26.50
C ASP D 183 -10.60 15.98 -25.72
N TRP D 184 -11.82 15.42 -25.77
CA TRP D 184 -12.93 15.98 -25.00
C TRP D 184 -12.62 16.00 -23.51
N LEU D 185 -11.97 14.96 -23.01
CA LEU D 185 -11.60 14.92 -21.60
C LEU D 185 -10.53 15.96 -21.28
N LYS D 186 -9.45 15.98 -22.06
CA LYS D 186 -8.39 16.95 -21.85
C LYS D 186 -8.94 18.36 -21.82
N GLY D 187 -9.97 18.62 -22.61
CA GLY D 187 -10.60 19.91 -22.71
C GLY D 187 -11.55 20.27 -21.60
N ASN D 188 -11.64 19.47 -20.54
CA ASN D 188 -12.66 19.72 -19.53
C ASN D 188 -12.36 20.95 -18.70
N THR D 189 -13.41 21.73 -18.43
CA THR D 189 -13.27 22.93 -17.61
C THR D 189 -13.75 22.76 -16.17
N THR D 190 -14.47 21.70 -15.86
CA THR D 190 -15.15 21.61 -14.58
C THR D 190 -14.29 21.05 -13.46
N GLY D 191 -13.08 20.62 -13.77
CA GLY D 191 -12.37 19.77 -12.84
C GLY D 191 -11.00 20.28 -12.44
N ASN D 192 -10.81 21.60 -12.37
CA ASN D 192 -9.53 22.19 -12.00
C ASN D 192 -9.26 22.12 -10.49
N HIS D 193 -10.25 21.77 -9.68
CA HIS D 193 -10.11 21.71 -8.24
C HIS D 193 -10.16 20.29 -7.70
N ARG D 194 -10.04 19.32 -8.58
CA ARG D 194 -10.14 17.92 -8.20
C ARG D 194 -8.87 17.22 -8.65
N ILE D 195 -8.99 16.15 -9.44
CA ILE D 195 -7.81 15.36 -9.77
C ILE D 195 -6.72 16.26 -10.34
N ARG D 196 -7.09 17.28 -11.11
CA ARG D 196 -6.08 18.16 -11.70
C ARG D 196 -5.29 18.93 -10.64
N ALA D 197 -5.88 19.24 -9.49
CA ALA D 197 -5.18 19.94 -8.41
C ALA D 197 -4.12 19.10 -7.71
N ALA D 198 -3.98 17.83 -8.05
CA ALA D 198 -2.92 16.97 -7.54
C ALA D 198 -1.91 16.59 -8.61
N VAL D 199 -2.03 17.18 -9.81
CA VAL D 199 -1.18 16.88 -10.96
C VAL D 199 -0.22 18.05 -11.15
N PRO D 200 1.03 17.79 -11.53
CA PRO D 200 1.93 18.90 -11.89
C PRO D 200 1.49 19.54 -13.20
N ALA D 201 1.38 20.87 -13.18
CA ALA D 201 0.78 21.63 -14.27
C ALA D 201 1.42 21.36 -15.62
N ASP D 202 2.58 20.70 -15.64
CA ASP D 202 3.22 20.24 -16.87
C ASP D 202 2.79 18.83 -17.27
N TRP D 203 1.88 18.21 -16.54
CA TRP D 203 1.35 16.91 -16.89
C TRP D 203 -0.03 17.09 -17.53
N ALA D 204 -0.25 16.39 -18.65
CA ALA D 204 -1.50 16.53 -19.38
C ALA D 204 -2.55 15.61 -18.78
N VAL D 205 -3.75 16.13 -18.59
CA VAL D 205 -4.84 15.39 -17.97
C VAL D 205 -6.13 15.60 -18.73
N GLY D 206 -6.90 14.53 -18.83
CA GLY D 206 -8.32 14.61 -19.20
C GLY D 206 -9.13 13.89 -18.14
N ASP D 207 -10.27 14.47 -17.76
CA ASP D 207 -11.07 13.98 -16.66
C ASP D 207 -12.54 14.31 -16.90
N LYS D 208 -13.39 13.76 -16.05
CA LYS D 208 -14.83 14.08 -16.04
C LYS D 208 -15.31 14.08 -14.61
N THR D 209 -15.93 15.16 -14.20
CA THR D 209 -16.41 15.33 -12.85
C THR D 209 -17.81 14.79 -12.68
N GLY D 210 -18.16 14.56 -11.43
CA GLY D 210 -19.54 14.38 -11.01
C GLY D 210 -19.86 15.16 -9.74
N THR D 211 -21.01 15.82 -9.74
CA THR D 211 -21.49 16.52 -8.56
C THR D 211 -22.99 16.26 -8.49
N CYS D 212 -23.42 15.49 -7.49
CA CYS D 212 -24.85 15.21 -7.28
C CYS D 212 -25.53 16.33 -6.53
N GLY D 213 -24.79 17.07 -5.73
CA GLY D 213 -25.30 18.16 -4.94
C GLY D 213 -26.01 17.74 -3.68
N VAL D 214 -25.93 16.48 -3.26
CA VAL D 214 -26.57 16.04 -2.03
C VAL D 214 -25.79 14.87 -1.48
N TYR D 215 -25.92 14.65 -0.18
CA TYR D 215 -25.29 13.50 0.48
C TYR D 215 -23.78 13.47 0.25
N GLY D 216 -23.14 14.65 0.35
CA GLY D 216 -21.71 14.80 0.08
C GLY D 216 -21.18 14.02 -1.10
N THR D 217 -21.93 13.95 -2.19
CA THR D 217 -21.66 13.02 -3.27
C THR D 217 -21.06 13.76 -4.47
N ALA D 218 -19.76 13.58 -4.69
CA ALA D 218 -19.08 14.18 -5.82
C ALA D 218 -17.97 13.25 -6.27
N ASN D 219 -17.39 13.50 -7.43
CA ASN D 219 -16.40 12.55 -7.93
C ASN D 219 -15.62 13.16 -9.08
N ASP D 220 -14.68 12.38 -9.59
CA ASP D 220 -13.84 12.72 -10.72
C ASP D 220 -13.08 11.47 -11.12
N TYR D 221 -12.98 11.22 -12.41
CA TYR D 221 -12.01 10.27 -12.93
C TYR D 221 -11.21 10.88 -14.06
N ALA D 222 -10.08 10.25 -14.37
CA ALA D 222 -9.10 10.95 -15.19
C ALA D 222 -8.05 10.00 -15.69
N VAL D 223 -7.51 10.33 -16.86
CA VAL D 223 -6.24 9.82 -17.33
C VAL D 223 -5.21 10.92 -17.17
N VAL D 224 -4.10 10.61 -16.52
CA VAL D 224 -3.04 11.56 -16.31
C VAL D 224 -1.81 11.02 -17.03
N TRP D 225 -1.14 11.90 -17.75
CA TRP D 225 -0.01 11.55 -18.57
C TRP D 225 1.26 12.17 -18.00
N PRO D 226 1.86 11.56 -16.98
CA PRO D 226 3.12 12.09 -16.47
C PRO D 226 4.16 12.08 -17.56
N THR D 227 5.15 12.94 -17.38
CA THR D 227 6.28 13.02 -18.31
C THR D 227 6.88 11.64 -18.58
N GLY D 228 7.11 11.34 -19.86
CA GLY D 228 7.85 10.17 -20.25
C GLY D 228 7.31 8.82 -19.80
N ARG D 229 6.67 8.78 -18.62
CA ARG D 229 6.07 7.56 -18.09
C ARG D 229 4.70 7.29 -18.70
N ALA D 230 4.36 6.01 -18.82
CA ALA D 230 3.08 5.61 -19.35
C ALA D 230 1.97 6.23 -18.52
N PRO D 231 0.78 6.43 -19.11
CA PRO D 231 -0.29 7.10 -18.39
C PRO D 231 -0.73 6.30 -17.16
N ILE D 232 -1.45 7.00 -16.30
CA ILE D 232 -2.11 6.46 -15.14
C ILE D 232 -3.60 6.74 -15.28
N VAL D 233 -4.43 5.79 -14.86
CA VAL D 233 -5.89 5.91 -14.93
C VAL D 233 -6.46 5.74 -13.52
N LEU D 234 -7.22 6.74 -13.06
CA LEU D 234 -7.72 6.78 -11.70
C LEU D 234 -9.12 7.37 -11.66
N ALA D 235 -9.85 6.96 -10.62
CA ALA D 235 -11.18 7.42 -10.29
C ALA D 235 -11.22 7.65 -8.79
N VAL D 236 -12.02 8.66 -8.38
CA VAL D 236 -12.21 9.02 -6.97
C VAL D 236 -13.65 9.42 -6.74
N TYR D 237 -14.30 8.78 -5.76
CA TYR D 237 -15.74 8.94 -5.54
C TYR D 237 -15.98 9.23 -4.05
N THR D 238 -17.02 10.02 -3.75
CA THR D 238 -17.35 10.26 -2.35
C THR D 238 -18.86 10.26 -2.17
N ARG D 239 -19.31 9.78 -1.01
CA ARG D 239 -20.67 9.97 -0.55
C ARG D 239 -20.63 10.28 0.95
N ALA D 240 -21.79 10.49 1.54
CA ALA D 240 -21.83 10.86 2.95
C ALA D 240 -23.24 10.73 3.49
N PRO D 241 -23.38 10.51 4.80
CA PRO D 241 -24.63 9.94 5.33
C PRO D 241 -25.78 10.92 5.53
N ASN D 242 -25.53 12.23 5.66
CA ASN D 242 -26.57 13.23 5.79
C ASN D 242 -26.79 13.95 4.46
N LYS D 243 -28.07 14.14 4.11
CA LYS D 243 -28.40 14.90 2.90
C LYS D 243 -27.73 16.26 2.92
N ASP D 244 -27.58 16.84 4.11
CA ASP D 244 -26.94 18.11 4.32
C ASP D 244 -25.44 18.05 4.09
N ASP D 245 -24.85 16.88 4.00
CA ASP D 245 -23.41 16.80 3.93
C ASP D 245 -22.92 17.34 2.59
N LYS D 246 -22.06 18.34 2.66
CA LYS D 246 -21.51 18.98 1.48
C LYS D 246 -20.31 18.20 1.00
N HIS D 247 -20.29 17.91 -0.29
CA HIS D 247 -19.11 17.42 -0.95
C HIS D 247 -17.94 18.40 -0.77
N SER D 248 -16.73 17.89 -0.90
CA SER D 248 -15.53 18.72 -0.86
C SER D 248 -14.67 18.42 -2.06
N GLU D 249 -14.31 19.46 -2.81
CA GLU D 249 -13.40 19.26 -3.91
C GLU D 249 -11.98 19.08 -3.41
N ALA D 250 -11.67 19.64 -2.24
CA ALA D 250 -10.36 19.44 -1.63
C ALA D 250 -10.14 17.98 -1.30
N VAL D 251 -11.14 17.32 -0.71
CA VAL D 251 -10.99 15.92 -0.32
C VAL D 251 -10.75 15.07 -1.55
N ILE D 252 -11.41 15.39 -2.66
CA ILE D 252 -11.19 14.66 -3.91
C ILE D 252 -9.75 14.80 -4.40
N ALA D 253 -9.18 16.00 -4.27
CA ALA D 253 -7.80 16.21 -4.67
C ALA D 253 -6.83 15.57 -3.68
N ALA D 254 -7.06 15.73 -2.38
CA ALA D 254 -6.22 15.02 -1.42
C ALA D 254 -6.23 13.52 -1.72
N ALA D 255 -7.39 12.96 -2.03
CA ALA D 255 -7.49 11.53 -2.37
C ALA D 255 -6.75 11.20 -3.68
N ALA D 256 -6.83 12.06 -4.68
CA ALA D 256 -6.01 11.80 -5.87
C ALA D 256 -4.53 11.83 -5.49
N ARG D 257 -4.14 12.77 -4.65
CA ARG D 257 -2.77 12.86 -4.21
C ARG D 257 -2.30 11.52 -3.64
N LEU D 258 -3.09 10.93 -2.73
CA LEU D 258 -2.69 9.66 -2.14
C LEU D 258 -2.59 8.58 -3.19
N ALA D 259 -3.56 8.53 -4.10
CA ALA D 259 -3.55 7.49 -5.12
C ALA D 259 -2.27 7.52 -5.95
N LEU D 260 -1.88 8.70 -6.43
CA LEU D 260 -0.63 8.80 -7.17
C LEU D 260 0.56 8.47 -6.28
N GLU D 261 0.50 8.89 -5.03
CA GLU D 261 1.63 8.71 -4.15
C GLU D 261 1.82 7.24 -3.83
N GLY D 262 0.74 6.50 -3.66
CA GLY D 262 0.81 5.07 -3.37
C GLY D 262 0.95 4.14 -4.57
N LEU D 263 0.97 4.66 -5.78
CA LEU D 263 1.22 3.83 -6.96
C LEU D 263 2.72 3.53 -7.08
N GLY D 264 3.51 4.32 -6.39
C13 BXU E . 24.73 -19.64 10.92
C16 BXU E . 24.85 -22.26 10.10
C17 BXU E . 25.51 -21.27 9.35
C12 BXU E . 25.45 -19.95 9.76
C14 BXU E . 24.08 -20.61 11.67
C15 BXU E . 24.14 -21.92 11.24
O4 BXU E . 29.63 -18.98 9.83
C1 BXU E . 26.18 -18.81 9.02
N2 BXU E . 27.59 -19.10 8.93
C3 BXU E . 28.49 -18.73 10.00
C5 BXU E . 28.08 -17.95 11.26
C6 BXU E . 27.64 -18.72 12.50
S7 BXU E . 27.01 -17.49 13.71
C8 BXU E . 29.34 -17.20 11.64
B9 BXU E . 25.54 -18.47 7.64
O10 BXU E . 24.46 -17.73 7.81
O11 BXU E . 26.22 -18.12 6.54
F18 BXU E . 23.50 -22.88 11.98
C13 BXU F . 13.71 23.58 -1.61
C16 BXU F . 14.12 24.34 1.01
C17 BXU F . 13.82 23.04 0.71
C12 BXU F . 13.63 22.64 -0.59
C14 BXU F . 14.04 24.90 -1.30
C15 BXU F . 14.25 25.25 0.02
O4 BXU F . 10.13 21.50 -2.04
C1 BXU F . 13.24 21.16 -0.77
N2 BXU F . 12.17 21.30 -1.65
C3 BXU F . 10.85 21.30 -1.16
C5 BXU F . 10.42 21.01 0.31
C6 BXU F . 10.55 22.27 1.15
S7 BXU F . 9.77 22.15 2.79
C8 BXU F . 8.98 20.47 0.34
B9 BXU F . 14.34 20.15 -1.25
O10 BXU F . 15.00 19.79 -0.15
O11 BXU F . 14.08 19.17 -2.17
F18 BXU F . 14.55 26.51 0.42
C13 BXU G . -13.60 -10.80 20.53
C16 BXU G . -13.89 -13.20 21.82
C17 BXU G . -13.54 -13.18 20.47
C12 BXU G . -13.42 -11.97 19.81
C14 BXU G . -13.94 -10.83 21.87
C15 BXU G . -14.09 -12.01 22.52
O4 BXU G . -9.91 -13.64 18.32
C1 BXU G . -12.96 -11.84 18.35
N2 BXU G . -12.06 -12.96 18.26
C3 BXU G . -10.64 -12.71 18.35
C5 BXU G . -10.07 -11.29 18.44
C6 BXU G . -9.96 -10.91 19.92
S7 BXU G . -9.14 -9.33 20.05
C8 BXU G . -8.76 -11.24 17.68
B9 BXU G . -14.00 -11.74 17.16
O10 BXU G . -14.70 -10.58 17.18
O11 BXU G . -13.59 -12.10 15.92
F18 BXU G . -14.44 -11.96 23.83
C13 BXU H . -23.18 19.56 -12.07
C16 BXU H . -23.63 20.69 -14.55
C17 BXU H . -24.44 19.64 -14.10
C12 BXU H . -24.22 19.06 -12.85
C14 BXU H . -22.38 20.59 -12.51
C15 BXU H . -22.60 21.16 -13.74
O4 BXU H . -28.23 18.70 -10.82
C1 BXU H . -25.03 17.88 -12.25
N2 BXU H . -26.46 18.11 -12.11
C3 BXU H . -27.06 18.56 -10.87
C5 BXU H . -26.23 18.86 -9.62
C6 BXU H . -25.68 20.30 -9.60
S7 BXU H . -24.90 20.81 -8.01
C8 BXU H . -27.15 18.65 -8.44
B9 BXU H . -24.87 16.56 -13.11
O10 BXU H . -25.66 15.48 -12.84
O11 BXU H . -24.44 16.73 -14.38
F18 BXU H . -21.78 22.19 -14.11
#